data_5INN
#
_entry.id   5INN
#
_cell.length_a   95.440
_cell.length_b   114.880
_cell.length_c   115.450
_cell.angle_alpha   90.000
_cell.angle_beta   90.000
_cell.angle_gamma   90.000
#
_symmetry.space_group_name_H-M   'P 21 21 21'
#
loop_
_entity.id
_entity.type
_entity.pdbx_description
1 polymer 'Tyrosyl-DNA phosphodiesterase 2'
2 non-polymer 'SULFATE ION'
3 non-polymer GLYCEROL
4 non-polymer 'CHLORIDE ION'
5 water water
#
_entity_poly.entity_id   1
_entity_poly.type   'polypeptide(L)'
_entity_poly.pdbx_seq_one_letter_code
;SKGLEDSSTISFITWNIDGLDGCNLPERARGVCSCLALYSPDVVFLQEVIPPYCAYLKKRAASYTIITGNEEGYFTAILL
KKGRVKFKSQEIIPFPNTKMMRNLLCVNVSLGGNEFCLMTSHLESTREHSAERIRQLKTVLGKMQEAPDSTTVIFAGDTN
LRDQEVIKCGGLPDNVFDAWEFLGKPKHCQYTWDTKANNNLRIPAAYKHRFDRIFFRAEEGHLIPQSLDLVGLEKLDCGR
FPSNHWGLLCTLNVVL
;
_entity_poly.pdbx_strand_id   A,B,C,D,E
#
loop_
_chem_comp.id
_chem_comp.type
_chem_comp.name
_chem_comp.formula
CL non-polymer 'CHLORIDE ION' 'Cl -1'
GOL non-polymer GLYCEROL 'C3 H8 O3'
SO4 non-polymer 'SULFATE ION' 'O4 S -2'
#
# COMPACT_ATOMS: atom_id res chain seq x y z
N SER A 8 -18.16 5.17 1.35
CA SER A 8 -16.86 5.84 1.44
C SER A 8 -17.04 7.35 1.51
N THR A 9 -15.95 8.06 1.72
CA THR A 9 -15.97 9.52 1.83
C THR A 9 -14.86 10.15 1.01
N ILE A 10 -14.96 11.45 0.80
CA ILE A 10 -13.91 12.22 0.12
C ILE A 10 -13.71 13.54 0.83
N SER A 11 -12.53 14.13 0.65
CA SER A 11 -12.20 15.41 1.27
C SER A 11 -11.31 16.24 0.37
N PHE A 12 -11.51 17.56 0.38
CA PHE A 12 -10.68 18.45 -0.40
C PHE A 12 -10.56 19.84 0.23
N ILE A 13 -9.51 20.56 -0.16
CA ILE A 13 -9.29 21.92 0.30
C ILE A 13 -9.17 22.87 -0.89
N THR A 14 -10.02 23.89 -0.91
CA THR A 14 -9.89 24.97 -1.89
C THR A 14 -9.28 26.18 -1.20
N TRP A 15 -8.37 26.86 -1.87
CA TRP A 15 -7.59 27.92 -1.23
C TRP A 15 -6.89 28.84 -2.21
N ASN A 16 -7.10 30.14 -2.07
CA ASN A 16 -6.34 31.14 -2.80
C ASN A 16 -5.07 31.47 -2.01
N ILE A 17 -4.00 30.74 -2.31
CA ILE A 17 -2.75 30.88 -1.56
C ILE A 17 -2.06 32.22 -1.81
N ASP A 18 -2.60 33.01 -2.74
CA ASP A 18 -2.16 34.38 -2.95
C ASP A 18 -0.68 34.47 -3.31
N GLY A 19 -0.34 34.07 -4.53
CA GLY A 19 1.04 34.13 -4.99
C GLY A 19 1.43 35.52 -5.47
N LEU A 20 0.44 36.40 -5.61
CA LEU A 20 0.70 37.76 -6.08
C LEU A 20 1.26 38.65 -4.97
N ASP A 21 1.24 38.13 -3.74
CA ASP A 21 1.90 38.80 -2.62
C ASP A 21 3.33 38.28 -2.50
N GLY A 22 4.28 39.08 -2.95
CA GLY A 22 5.66 38.64 -3.06
C GLY A 22 6.44 38.66 -1.75
N CYS A 23 5.78 39.05 -0.66
CA CYS A 23 6.42 39.13 0.64
C CYS A 23 6.24 37.86 1.45
N ASN A 24 7.35 37.34 1.99
CA ASN A 24 7.33 36.16 2.85
C ASN A 24 6.73 34.94 2.16
N LEU A 25 6.91 34.86 0.84
CA LEU A 25 6.26 33.82 0.05
C LEU A 25 6.81 32.42 0.34
N PRO A 26 8.15 32.28 0.47
CA PRO A 26 8.67 30.95 0.80
C PRO A 26 8.16 30.43 2.12
N GLU A 27 8.12 31.29 3.14
CA GLU A 27 7.63 30.91 4.46
C GLU A 27 6.13 30.62 4.43
N ARG A 28 5.40 31.40 3.64
CA ARG A 28 3.96 31.20 3.49
C ARG A 28 3.67 29.90 2.74
N ALA A 29 4.52 29.59 1.76
CA ALA A 29 4.38 28.35 1.01
C ALA A 29 4.56 27.16 1.94
N ARG A 30 5.52 27.25 2.85
CA ARG A 30 5.74 26.22 3.86
C ARG A 30 4.55 26.15 4.81
N GLY A 31 3.89 27.28 5.02
CA GLY A 31 2.72 27.33 5.86
C GLY A 31 1.56 26.56 5.26
N VAL A 32 1.31 26.81 3.99
CA VAL A 32 0.22 26.14 3.27
C VAL A 32 0.45 24.63 3.22
N CYS A 33 1.68 24.23 2.97
CA CYS A 33 2.02 22.81 2.87
C CYS A 33 1.84 22.11 4.22
N SER A 34 2.15 22.82 5.30
CA SER A 34 1.97 22.29 6.64
C SER A 34 0.49 22.05 6.91
N CYS A 35 -0.36 22.97 6.44
CA CYS A 35 -1.80 22.84 6.60
CA CYS A 35 -1.80 22.84 6.60
C CYS A 35 -2.33 21.64 5.83
N LEU A 36 -1.91 21.51 4.57
CA LEU A 36 -2.33 20.40 3.72
C LEU A 36 -1.87 19.06 4.31
N ALA A 37 -0.78 19.09 5.06
CA ALA A 37 -0.23 17.87 5.64
C ALA A 37 -1.05 17.41 6.84
N LEU A 38 -1.62 18.37 7.58
CA LEU A 38 -2.44 18.06 8.74
C LEU A 38 -3.72 17.33 8.34
N TYR A 39 -4.43 17.91 7.39
CA TYR A 39 -5.72 17.37 6.97
C TYR A 39 -5.57 16.28 5.93
N SER A 40 -4.52 16.38 5.12
CA SER A 40 -4.22 15.40 4.09
C SER A 40 -5.43 15.11 3.21
N PRO A 41 -5.97 16.15 2.56
CA PRO A 41 -7.15 15.98 1.71
C PRO A 41 -6.87 15.16 0.46
N ASP A 42 -7.92 14.59 -0.13
CA ASP A 42 -7.77 13.79 -1.34
C ASP A 42 -7.48 14.68 -2.55
N VAL A 43 -8.01 15.91 -2.50
CA VAL A 43 -7.84 16.88 -3.57
C VAL A 43 -7.55 18.25 -2.99
N VAL A 44 -6.82 19.08 -3.72
CA VAL A 44 -6.61 20.47 -3.32
C VAL A 44 -6.73 21.41 -4.51
N PHE A 45 -7.67 22.35 -4.43
CA PHE A 45 -7.85 23.38 -5.45
C PHE A 45 -7.12 24.65 -5.04
N LEU A 46 -6.12 25.04 -5.84
CA LEU A 46 -5.33 26.23 -5.54
C LEU A 46 -5.56 27.33 -6.57
N GLN A 47 -5.51 28.58 -6.11
CA GLN A 47 -5.61 29.74 -6.98
C GLN A 47 -4.46 30.71 -6.70
N GLU A 48 -4.16 31.57 -7.68
CA GLU A 48 -3.05 32.50 -7.60
C GLU A 48 -1.73 31.77 -7.30
N VAL A 49 -1.53 30.64 -7.96
CA VAL A 49 -0.27 29.91 -7.88
C VAL A 49 0.69 30.45 -8.94
N ILE A 50 1.95 30.62 -8.57
CA ILE A 50 2.98 31.06 -9.51
C ILE A 50 4.08 30.00 -9.61
N PRO A 51 4.87 30.04 -10.70
CA PRO A 51 5.90 29.01 -10.95
C PRO A 51 6.83 28.72 -9.78
N PRO A 52 7.41 29.75 -9.14
CA PRO A 52 8.31 29.43 -8.02
C PRO A 52 7.55 28.83 -6.84
N TYR A 53 6.28 29.22 -6.68
CA TYR A 53 5.43 28.65 -5.66
C TYR A 53 5.06 27.23 -6.04
N CYS A 54 4.89 27.00 -7.34
CA CYS A 54 4.52 25.70 -7.86
C CYS A 54 5.66 24.70 -7.71
N ALA A 55 6.88 25.18 -7.91
CA ALA A 55 8.07 24.35 -7.77
C ALA A 55 8.29 23.96 -6.32
N TYR A 56 7.68 24.71 -5.41
CA TYR A 56 7.80 24.44 -3.98
C TYR A 56 6.83 23.34 -3.57
N LEU A 57 5.70 23.25 -4.27
CA LEU A 57 4.71 22.22 -3.99
C LEU A 57 5.20 20.85 -4.47
N LYS A 58 5.99 20.84 -5.54
CA LYS A 58 6.51 19.59 -6.08
C LYS A 58 7.51 18.93 -5.13
N LYS A 59 7.96 19.68 -4.12
CA LYS A 59 8.94 19.17 -3.17
C LYS A 59 8.32 18.95 -1.78
N ARG A 60 7.64 19.96 -1.27
CA ARG A 60 7.09 19.93 0.10
C ARG A 60 5.72 19.26 0.18
N ALA A 61 5.06 19.12 -0.98
CA ALA A 61 3.81 18.38 -1.08
C ALA A 61 3.97 17.28 -2.12
N ALA A 62 4.95 16.41 -1.90
CA ALA A 62 5.35 15.40 -2.88
C ALA A 62 4.30 14.30 -3.05
N SER A 63 3.42 14.17 -2.07
CA SER A 63 2.40 13.12 -2.10
C SER A 63 1.19 13.53 -2.94
N TYR A 64 1.32 14.62 -3.69
CA TYR A 64 0.23 15.12 -4.53
C TYR A 64 0.66 15.26 -5.99
N THR A 65 -0.22 14.83 -6.89
CA THR A 65 -0.01 15.01 -8.33
C THR A 65 -0.53 16.40 -8.74
N ILE A 66 0.38 17.25 -9.20
CA ILE A 66 0.04 18.63 -9.50
C ILE A 66 -0.38 18.82 -10.96
N ILE A 67 -1.54 19.45 -11.15
CA ILE A 67 -2.00 19.89 -12.45
C ILE A 67 -2.20 21.39 -12.40
N THR A 68 -1.62 22.10 -13.38
CA THR A 68 -1.64 23.57 -13.37
C THR A 68 -2.53 24.13 -14.47
N GLY A 69 -3.13 25.29 -14.20
CA GLY A 69 -3.98 25.96 -15.15
C GLY A 69 -3.19 26.79 -16.15
N ASN A 70 -1.90 26.97 -15.88
CA ASN A 70 -1.01 27.70 -16.76
C ASN A 70 0.44 27.47 -16.38
N GLU A 71 1.36 27.95 -17.22
CA GLU A 71 2.80 27.77 -16.99
C GLU A 71 3.50 29.08 -16.66
N GLU A 72 2.87 30.19 -17.01
CA GLU A 72 3.43 31.52 -16.78
C GLU A 72 2.47 32.39 -15.98
N GLY A 73 2.98 33.54 -15.51
CA GLY A 73 2.18 34.46 -14.70
C GLY A 73 1.71 33.79 -13.43
N TYR A 74 0.42 33.98 -13.12
CA TYR A 74 -0.21 33.28 -12.01
C TYR A 74 -1.40 32.49 -12.51
N PHE A 75 -1.74 31.42 -11.80
CA PHE A 75 -2.73 30.46 -12.30
C PHE A 75 -3.28 29.57 -11.19
N THR A 76 -4.32 28.81 -11.52
CA THR A 76 -4.90 27.86 -10.59
C THR A 76 -4.16 26.53 -10.65
N ALA A 77 -4.51 25.63 -9.75
CA ALA A 77 -3.91 24.29 -9.74
C ALA A 77 -4.79 23.29 -9.00
N ILE A 78 -4.72 22.04 -9.43
CA ILE A 78 -5.44 20.94 -8.77
C ILE A 78 -4.44 19.86 -8.37
N LEU A 79 -4.38 19.58 -7.08
CA LEU A 79 -3.51 18.53 -6.55
C LEU A 79 -4.34 17.28 -6.29
N LEU A 80 -3.75 16.12 -6.60
CA LEU A 80 -4.42 14.83 -6.42
C LEU A 80 -3.60 13.91 -5.53
N LYS A 81 -4.20 13.44 -4.45
CA LYS A 81 -3.52 12.52 -3.52
C LYS A 81 -3.16 11.22 -4.22
N LYS A 82 -1.87 10.93 -4.28
CA LYS A 82 -1.38 9.71 -4.94
C LYS A 82 -1.82 8.46 -4.20
N GLY A 83 -2.24 7.44 -4.95
CA GLY A 83 -2.70 6.20 -4.37
C GLY A 83 -4.17 6.26 -3.96
N ARG A 84 -4.71 7.47 -3.92
CA ARG A 84 -6.09 7.70 -3.52
C ARG A 84 -6.90 8.14 -4.74
N VAL A 85 -6.38 9.12 -5.46
CA VAL A 85 -7.03 9.65 -6.66
C VAL A 85 -6.24 9.26 -7.91
N LYS A 86 -6.95 8.72 -8.89
CA LYS A 86 -6.34 8.32 -10.16
C LYS A 86 -6.67 9.31 -11.27
N PHE A 87 -5.64 9.89 -11.86
CA PHE A 87 -5.81 10.81 -12.97
C PHE A 87 -6.29 10.07 -14.21
N LYS A 88 -7.12 10.73 -15.01
CA LYS A 88 -7.63 10.17 -16.25
C LYS A 88 -7.37 11.12 -17.41
N SER A 89 -7.76 12.37 -17.24
CA SER A 89 -7.58 13.38 -18.27
C SER A 89 -7.80 14.77 -17.69
N GLN A 90 -7.24 15.78 -18.34
CA GLN A 90 -7.43 17.17 -17.95
C GLN A 90 -7.90 18.00 -19.14
N GLU A 91 -8.48 19.16 -18.84
CA GLU A 91 -9.00 20.04 -19.87
C GLU A 91 -9.05 21.47 -19.35
N ILE A 92 -8.71 22.42 -20.20
CA ILE A 92 -8.73 23.84 -19.84
C ILE A 92 -9.67 24.62 -20.74
N ILE A 93 -10.84 24.98 -20.20
CA ILE A 93 -11.79 25.82 -20.91
C ILE A 93 -11.39 27.28 -20.73
N PRO A 94 -11.05 27.97 -21.84
CA PRO A 94 -10.59 29.35 -21.71
C PRO A 94 -11.71 30.36 -21.46
N PHE A 95 -11.33 31.56 -21.02
CA PHE A 95 -12.25 32.69 -20.93
C PHE A 95 -11.81 33.75 -21.94
N PRO A 96 -12.26 33.63 -23.21
CA PRO A 96 -11.82 34.49 -24.32
C PRO A 96 -11.67 35.97 -24.00
N ASN A 97 -12.49 36.48 -23.08
CA ASN A 97 -12.50 37.91 -22.78
C ASN A 97 -11.93 38.25 -21.40
N THR A 98 -11.14 37.35 -20.84
CA THR A 98 -10.48 37.62 -19.56
C THR A 98 -9.35 38.61 -19.77
N LYS A 99 -9.18 39.52 -18.82
CA LYS A 99 -8.09 40.49 -18.84
C LYS A 99 -7.07 40.16 -17.75
N MET A 100 -7.23 39.01 -17.13
CA MET A 100 -6.41 38.61 -16.00
C MET A 100 -5.95 37.15 -16.11
N MET A 101 -5.93 36.64 -17.34
CA MET A 101 -5.44 35.30 -17.62
C MET A 101 -6.21 34.22 -16.86
N ARG A 102 -7.49 34.47 -16.62
CA ARG A 102 -8.32 33.51 -15.89
C ARG A 102 -8.91 32.47 -16.84
N ASN A 103 -9.17 31.28 -16.30
CA ASN A 103 -9.70 30.19 -17.10
C ASN A 103 -10.40 29.16 -16.21
N LEU A 104 -10.76 28.03 -16.81
CA LEU A 104 -11.44 26.95 -16.09
C LEU A 104 -10.68 25.64 -16.25
N LEU A 105 -9.97 25.25 -15.19
CA LEU A 105 -9.21 24.01 -15.18
C LEU A 105 -10.13 22.85 -14.81
N CYS A 106 -10.12 21.81 -15.64
CA CYS A 106 -10.93 20.62 -15.41
C CYS A 106 -10.03 19.39 -15.37
N VAL A 107 -10.23 18.55 -14.35
CA VAL A 107 -9.45 17.33 -14.20
C VAL A 107 -10.35 16.16 -13.85
N ASN A 108 -10.52 15.25 -14.81
CA ASN A 108 -11.31 14.04 -14.60
C ASN A 108 -10.49 12.99 -13.88
N VAL A 109 -11.03 12.45 -12.79
CA VAL A 109 -10.32 11.46 -11.98
C VAL A 109 -11.22 10.30 -11.58
N SER A 110 -10.60 9.27 -11.03
CA SER A 110 -11.32 8.12 -10.49
C SER A 110 -10.94 7.92 -9.02
N LEU A 111 -11.83 8.35 -8.13
CA LEU A 111 -11.58 8.29 -6.69
C LEU A 111 -12.40 7.18 -6.04
N GLY A 112 -11.71 6.18 -5.48
CA GLY A 112 -12.36 5.05 -4.86
C GLY A 112 -12.92 4.10 -5.90
N GLY A 113 -14.15 4.38 -6.35
CA GLY A 113 -14.78 3.59 -7.38
C GLY A 113 -15.80 4.41 -8.16
N ASN A 114 -15.64 5.73 -8.11
CA ASN A 114 -16.55 6.66 -8.77
C ASN A 114 -15.79 7.64 -9.66
N GLU A 115 -16.42 8.03 -10.76
CA GLU A 115 -15.81 9.00 -11.69
C GLU A 115 -16.15 10.42 -11.25
N PHE A 116 -15.11 11.23 -11.08
CA PHE A 116 -15.25 12.62 -10.66
C PHE A 116 -14.76 13.59 -11.72
N CYS A 117 -15.41 14.74 -11.80
CA CYS A 117 -14.97 15.83 -12.66
C CYS A 117 -14.62 17.04 -11.79
N LEU A 118 -13.35 17.12 -11.40
CA LEU A 118 -12.89 18.19 -10.51
C LEU A 118 -12.60 19.45 -11.30
N MET A 119 -13.15 20.57 -10.84
CA MET A 119 -13.03 21.85 -11.53
C MET A 119 -12.62 22.97 -10.59
N THR A 120 -11.84 23.92 -11.10
CA THR A 120 -11.45 25.09 -10.34
C THR A 120 -11.19 26.28 -11.25
N SER A 121 -11.39 27.48 -10.71
CA SER A 121 -11.17 28.70 -11.47
C SER A 121 -11.03 29.90 -10.55
N HIS A 122 -10.33 30.92 -11.04
CA HIS A 122 -10.16 32.18 -10.32
C HIS A 122 -10.89 33.27 -11.09
N LEU A 123 -12.19 33.40 -10.85
CA LEU A 123 -13.02 34.32 -11.64
C LEU A 123 -12.50 35.75 -11.57
N GLU A 124 -12.89 36.54 -12.56
CA GLU A 124 -12.39 37.92 -12.70
C GLU A 124 -12.56 38.71 -11.41
N SER A 125 -11.49 39.38 -10.99
CA SER A 125 -11.48 40.10 -9.73
C SER A 125 -12.08 41.50 -9.86
N THR A 126 -12.14 42.21 -8.73
CA THR A 126 -12.58 43.61 -8.68
C THR A 126 -14.09 43.76 -8.91
N ARG A 127 -14.65 44.84 -8.38
CA ARG A 127 -16.07 45.13 -8.52
C ARG A 127 -16.40 45.59 -9.94
N GLU A 128 -15.47 46.32 -10.54
CA GLU A 128 -15.69 46.95 -11.84
C GLU A 128 -15.89 45.93 -12.95
N HIS A 129 -15.29 44.76 -12.80
CA HIS A 129 -15.42 43.69 -13.78
C HIS A 129 -16.45 42.67 -13.34
N SER A 130 -17.60 43.17 -12.89
CA SER A 130 -18.69 42.31 -12.45
C SER A 130 -19.28 41.52 -13.60
N ALA A 131 -19.55 42.21 -14.71
CA ALA A 131 -20.16 41.58 -15.88
C ALA A 131 -19.35 40.40 -16.38
N GLU A 132 -18.03 40.58 -16.47
CA GLU A 132 -17.15 39.52 -16.94
C GLU A 132 -17.16 38.33 -15.98
N ARG A 133 -17.18 38.62 -14.68
CA ARG A 133 -17.18 37.59 -13.67
C ARG A 133 -18.44 36.72 -13.77
N ILE A 134 -19.58 37.34 -14.07
CA ILE A 134 -20.83 36.62 -14.21
C ILE A 134 -20.79 35.72 -15.45
N ARG A 135 -20.33 36.26 -16.57
CA ARG A 135 -20.26 35.49 -17.81
C ARG A 135 -19.33 34.30 -17.64
N GLN A 136 -18.27 34.48 -16.85
CA GLN A 136 -17.36 33.40 -16.53
C GLN A 136 -18.06 32.36 -15.66
N LEU A 137 -18.87 32.82 -14.72
CA LEU A 137 -19.61 31.92 -13.84
C LEU A 137 -20.57 31.05 -14.64
N LYS A 138 -21.27 31.66 -15.59
CA LYS A 138 -22.19 30.93 -16.44
C LYS A 138 -21.48 29.84 -17.24
N THR A 139 -20.24 30.13 -17.65
CA THR A 139 -19.43 29.16 -18.38
C THR A 139 -19.12 27.96 -17.49
N VAL A 140 -18.77 28.24 -16.24
CA VAL A 140 -18.49 27.19 -15.26
C VAL A 140 -19.73 26.32 -15.07
N LEU A 141 -20.85 26.99 -14.78
CA LEU A 141 -22.12 26.28 -14.57
C LEU A 141 -22.49 25.46 -15.80
N GLY A 142 -22.33 26.07 -16.97
CA GLY A 142 -22.63 25.38 -18.22
C GLY A 142 -21.75 24.17 -18.42
N LYS A 143 -20.48 24.30 -18.05
CA LYS A 143 -19.53 23.20 -18.19
C LYS A 143 -19.86 22.05 -17.23
N MET A 144 -20.43 22.40 -16.08
CA MET A 144 -20.83 21.39 -15.10
C MET A 144 -22.00 20.55 -15.60
N GLN A 145 -22.75 21.09 -16.55
CA GLN A 145 -23.89 20.38 -17.13
C GLN A 145 -23.42 19.41 -18.22
N GLU A 146 -22.30 19.73 -18.86
CA GLU A 146 -21.80 18.93 -19.98
C GLU A 146 -21.33 17.55 -19.54
N ALA A 147 -21.00 17.40 -18.26
CA ALA A 147 -20.52 16.13 -17.75
C ALA A 147 -21.65 15.10 -17.68
N PRO A 148 -21.32 13.81 -17.81
CA PRO A 148 -22.34 12.76 -17.70
C PRO A 148 -23.01 12.72 -16.33
N ASP A 149 -24.16 12.07 -16.25
CA ASP A 149 -24.91 11.96 -15.00
C ASP A 149 -24.19 11.03 -14.01
N SER A 150 -23.52 10.02 -14.56
CA SER A 150 -22.76 9.08 -13.74
C SER A 150 -21.57 9.77 -13.07
N THR A 151 -21.03 10.78 -13.75
CA THR A 151 -19.88 11.53 -13.24
C THR A 151 -20.33 12.55 -12.20
N THR A 152 -19.60 12.59 -11.08
CA THR A 152 -19.87 13.54 -10.01
C THR A 152 -19.01 14.79 -10.18
N VAL A 153 -19.64 15.89 -10.59
CA VAL A 153 -18.92 17.14 -10.84
C VAL A 153 -18.79 17.95 -9.56
N ILE A 154 -17.59 18.45 -9.31
CA ILE A 154 -17.31 19.29 -8.13
C ILE A 154 -16.44 20.48 -8.52
N PHE A 155 -17.01 21.68 -8.40
CA PHE A 155 -16.26 22.91 -8.62
C PHE A 155 -15.90 23.56 -7.29
N ALA A 156 -14.71 24.13 -7.23
CA ALA A 156 -14.26 24.86 -6.05
C ALA A 156 -13.15 25.82 -6.42
N GLY A 157 -13.26 27.06 -5.95
CA GLY A 157 -12.25 28.07 -6.23
C GLY A 157 -12.70 29.46 -5.86
N ASP A 158 -11.84 30.44 -6.13
CA ASP A 158 -12.13 31.84 -5.84
C ASP A 158 -13.09 32.40 -6.90
N THR A 159 -14.34 32.62 -6.50
CA THR A 159 -15.37 33.07 -7.43
C THR A 159 -15.46 34.60 -7.48
N ASN A 160 -14.87 35.27 -6.50
CA ASN A 160 -14.89 36.73 -6.42
C ASN A 160 -16.31 37.31 -6.47
N LEU A 161 -17.30 36.47 -6.15
CA LEU A 161 -18.69 36.89 -6.18
C LEU A 161 -19.03 37.74 -4.96
N ARG A 162 -19.62 38.91 -5.21
CA ARG A 162 -19.90 39.88 -4.16
C ARG A 162 -21.15 40.68 -4.47
N ASP A 163 -21.54 41.56 -3.54
CA ASP A 163 -22.69 42.44 -3.73
C ASP A 163 -23.95 41.68 -4.12
N GLN A 164 -24.06 40.44 -3.64
CA GLN A 164 -25.20 39.58 -3.94
C GLN A 164 -25.36 39.38 -5.44
N GLU A 165 -24.24 39.21 -6.13
CA GLU A 165 -24.21 39.11 -7.59
C GLU A 165 -24.94 37.88 -8.13
N VAL A 166 -24.98 36.81 -7.34
CA VAL A 166 -25.55 35.54 -7.78
C VAL A 166 -27.06 35.64 -8.01
N ILE A 167 -27.77 36.11 -7.00
CA ILE A 167 -29.24 36.10 -7.04
C ILE A 167 -29.82 37.00 -8.14
N LYS A 168 -29.01 37.92 -8.65
CA LYS A 168 -29.47 38.83 -9.71
C LYS A 168 -29.22 38.25 -11.09
N CYS A 169 -28.33 37.26 -11.18
CA CYS A 169 -28.01 36.63 -12.46
C CYS A 169 -28.93 35.45 -12.73
N GLY A 170 -29.80 35.13 -11.77
CA GLY A 170 -30.75 34.04 -11.91
C GLY A 170 -30.60 32.97 -10.85
N GLY A 171 -29.49 33.02 -10.12
CA GLY A 171 -29.20 32.03 -9.10
C GLY A 171 -28.64 30.76 -9.71
N LEU A 172 -28.19 29.84 -8.85
CA LEU A 172 -27.64 28.58 -9.31
C LEU A 172 -28.73 27.72 -9.95
N PRO A 173 -28.37 26.89 -10.95
CA PRO A 173 -29.33 25.95 -11.52
C PRO A 173 -29.91 25.00 -10.47
N ASP A 174 -31.04 24.37 -10.79
CA ASP A 174 -31.71 23.48 -9.86
C ASP A 174 -30.86 22.30 -9.43
N ASN A 175 -29.94 21.88 -10.29
CA ASN A 175 -29.13 20.70 -10.02
C ASN A 175 -27.72 21.04 -9.54
N VAL A 176 -27.38 22.32 -9.55
CA VAL A 176 -26.09 22.80 -9.01
C VAL A 176 -26.31 23.33 -7.60
N PHE A 177 -25.66 22.70 -6.64
CA PHE A 177 -25.85 23.02 -5.22
C PHE A 177 -24.59 23.62 -4.60
N ASP A 178 -24.79 24.66 -3.78
CA ASP A 178 -23.70 25.27 -3.04
C ASP A 178 -23.51 24.50 -1.73
N ALA A 179 -22.29 24.03 -1.49
CA ALA A 179 -22.00 23.22 -0.31
C ALA A 179 -22.27 24.00 0.98
N TRP A 180 -21.83 25.25 1.02
CA TRP A 180 -22.02 26.09 2.20
C TRP A 180 -23.50 26.31 2.47
N GLU A 181 -24.29 26.43 1.41
CA GLU A 181 -25.73 26.59 1.55
C GLU A 181 -26.38 25.26 1.93
N PHE A 182 -25.84 24.17 1.39
CA PHE A 182 -26.37 22.84 1.66
C PHE A 182 -26.25 22.48 3.13
N LEU A 183 -25.21 23.01 3.77
CA LEU A 183 -24.94 22.72 5.18
C LEU A 183 -25.67 23.71 6.10
N GLY A 184 -26.64 24.42 5.55
CA GLY A 184 -27.46 25.32 6.34
C GLY A 184 -26.82 26.67 6.59
N LYS A 185 -25.86 27.04 5.75
CA LYS A 185 -25.19 28.33 5.85
C LYS A 185 -24.56 28.56 7.23
N PRO A 186 -23.56 27.74 7.59
CA PRO A 186 -22.85 27.93 8.86
C PRO A 186 -22.01 29.19 8.87
N LYS A 187 -22.02 29.91 9.99
CA LYS A 187 -21.33 31.20 10.08
C LYS A 187 -19.87 31.05 10.47
N HIS A 188 -19.48 29.88 10.94
CA HIS A 188 -18.11 29.65 11.38
C HIS A 188 -17.15 29.59 10.19
N CYS A 189 -17.71 29.47 8.98
CA CYS A 189 -16.91 29.40 7.77
C CYS A 189 -17.60 30.14 6.63
N GLN A 190 -18.37 31.16 6.96
CA GLN A 190 -19.10 31.94 5.97
C GLN A 190 -18.15 32.82 5.16
N TYR A 191 -17.30 33.56 5.85
CA TYR A 191 -16.37 34.50 5.20
C TYR A 191 -14.97 33.93 5.13
N THR A 192 -14.51 33.67 3.91
CA THR A 192 -13.15 33.21 3.66
C THR A 192 -12.23 34.42 3.47
N TRP A 193 -12.85 35.55 3.13
CA TRP A 193 -12.15 36.81 2.96
C TRP A 193 -12.55 37.76 4.10
N ASP A 194 -11.58 38.09 4.95
CA ASP A 194 -11.85 38.92 6.12
C ASP A 194 -10.63 39.78 6.49
N THR A 195 -10.74 41.08 6.24
CA THR A 195 -9.64 42.00 6.50
C THR A 195 -9.52 42.35 7.99
N LYS A 196 -10.51 41.95 8.78
CA LYS A 196 -10.49 42.19 10.22
C LYS A 196 -9.67 41.12 10.92
N ALA A 197 -9.92 39.86 10.57
CA ALA A 197 -9.17 38.74 11.12
C ALA A 197 -7.80 38.64 10.48
N ASN A 198 -7.78 38.53 9.16
CA ASN A 198 -6.54 38.47 8.41
C ASN A 198 -5.89 39.84 8.32
N ASN A 199 -4.55 39.86 8.27
CA ASN A 199 -3.81 41.13 8.19
C ASN A 199 -2.67 41.08 7.17
N ASN A 200 -2.69 40.07 6.30
CA ASN A 200 -1.71 39.99 5.22
C ASN A 200 -1.80 41.22 4.34
N LEU A 201 -3.01 41.76 4.19
CA LEU A 201 -3.25 42.97 3.42
C LEU A 201 -2.90 44.22 4.22
N LYS A 208 -15.94 42.13 4.29
CA LYS A 208 -15.79 40.68 4.20
C LYS A 208 -16.81 40.09 3.23
N HIS A 209 -16.37 39.12 2.44
CA HIS A 209 -17.23 38.47 1.45
C HIS A 209 -17.00 36.96 1.42
N ARG A 210 -17.87 36.25 0.72
CA ARG A 210 -17.74 34.81 0.52
C ARG A 210 -17.24 34.53 -0.89
N PHE A 211 -15.98 34.85 -1.14
CA PHE A 211 -15.38 34.68 -2.45
C PHE A 211 -15.20 33.21 -2.81
N ASP A 212 -14.58 32.45 -1.92
CA ASP A 212 -14.33 31.03 -2.16
C ASP A 212 -15.59 30.21 -1.91
N ARG A 213 -16.03 29.49 -2.94
CA ARG A 213 -17.27 28.72 -2.85
C ARG A 213 -17.12 27.34 -3.47
N ILE A 214 -18.10 26.48 -3.20
CA ILE A 214 -18.10 25.12 -3.71
C ILE A 214 -19.43 24.80 -4.39
N PHE A 215 -19.36 24.46 -5.67
CA PHE A 215 -20.52 24.03 -6.43
C PHE A 215 -20.37 22.56 -6.79
N PHE A 216 -21.45 21.80 -6.67
CA PHE A 216 -21.41 20.38 -7.04
C PHE A 216 -22.72 19.93 -7.68
N ARG A 217 -22.60 19.00 -8.64
CA ARG A 217 -23.74 18.40 -9.31
C ARG A 217 -23.63 16.89 -9.22
N ALA A 218 -24.71 16.23 -8.84
CA ALA A 218 -24.72 14.79 -8.70
C ALA A 218 -26.14 14.24 -8.56
N GLU A 219 -26.26 12.93 -8.68
CA GLU A 219 -27.53 12.25 -8.45
C GLU A 219 -28.01 12.51 -7.02
N GLU A 220 -29.32 12.47 -6.81
CA GLU A 220 -29.89 12.77 -5.49
C GLU A 220 -29.36 11.83 -4.41
N GLY A 221 -28.57 12.38 -3.50
CA GLY A 221 -28.05 11.63 -2.36
C GLY A 221 -26.68 11.04 -2.59
N HIS A 222 -26.25 10.96 -3.85
CA HIS A 222 -24.98 10.35 -4.21
C HIS A 222 -23.79 11.23 -3.84
N LEU A 223 -24.06 12.44 -3.35
CA LEU A 223 -23.02 13.33 -2.85
C LEU A 223 -23.60 14.25 -1.78
N ILE A 224 -23.28 13.95 -0.52
CA ILE A 224 -23.81 14.70 0.62
C ILE A 224 -22.67 15.35 1.42
N PRO A 225 -22.54 16.69 1.32
CA PRO A 225 -21.56 17.40 2.16
C PRO A 225 -21.74 17.11 3.64
N GLN A 226 -20.65 16.75 4.31
CA GLN A 226 -20.70 16.35 5.72
C GLN A 226 -20.21 17.45 6.64
N SER A 227 -19.25 18.25 6.17
CA SER A 227 -18.66 19.30 6.98
C SER A 227 -18.00 20.36 6.12
N LEU A 228 -17.82 21.54 6.70
CA LEU A 228 -17.12 22.64 6.03
C LEU A 228 -16.41 23.49 7.07
N ASP A 229 -15.10 23.65 6.93
CA ASP A 229 -14.30 24.36 7.91
C ASP A 229 -13.30 25.31 7.25
N LEU A 230 -12.82 26.28 8.02
CA LEU A 230 -11.77 27.18 7.57
C LEU A 230 -10.40 26.60 7.93
N VAL A 231 -9.39 26.93 7.15
CA VAL A 231 -8.02 26.48 7.41
C VAL A 231 -7.01 27.59 7.14
N GLY A 232 -5.85 27.48 7.76
CA GLY A 232 -4.80 28.47 7.60
C GLY A 232 -5.05 29.70 8.44
N LEU A 233 -5.54 29.49 9.66
CA LEU A 233 -5.90 30.58 10.57
C LEU A 233 -4.84 30.80 11.64
N GLU A 234 -3.68 30.17 11.48
CA GLU A 234 -2.57 30.34 12.41
C GLU A 234 -1.45 31.17 11.78
N LYS A 235 -1.01 32.19 12.50
CA LYS A 235 0.10 33.03 12.03
C LYS A 235 1.40 32.25 12.01
N LEU A 236 2.29 32.63 11.10
CA LEU A 236 3.59 31.98 10.96
C LEU A 236 4.64 32.73 11.79
N ASP A 237 5.90 32.44 11.54
CA ASP A 237 7.00 33.09 12.26
C ASP A 237 7.12 34.57 11.86
N CYS A 238 6.76 34.89 10.63
CA CYS A 238 6.85 36.26 10.14
C CYS A 238 5.67 37.12 10.64
N GLY A 239 4.79 36.50 11.43
CA GLY A 239 3.66 37.22 12.01
C GLY A 239 2.51 37.39 11.04
N ARG A 240 2.60 36.76 9.87
CA ARG A 240 1.55 36.84 8.86
C ARG A 240 0.93 35.46 8.63
N PHE A 241 -0.25 35.45 8.03
CA PHE A 241 -0.93 34.20 7.70
C PHE A 241 -0.41 33.67 6.36
N PRO A 242 -0.66 32.38 6.08
CA PRO A 242 -0.23 31.79 4.79
C PRO A 242 -0.79 32.54 3.58
N SER A 243 -1.92 33.20 3.75
CA SER A 243 -2.53 33.96 2.65
C SER A 243 -3.56 34.95 3.17
N ASN A 244 -3.94 35.90 2.32
CA ASN A 244 -4.97 36.88 2.67
C ASN A 244 -6.35 36.25 2.66
N HIS A 245 -6.46 35.09 2.00
CA HIS A 245 -7.70 34.31 2.00
C HIS A 245 -7.62 33.19 3.04
N TRP A 246 -8.78 32.81 3.57
CA TRP A 246 -8.88 31.58 4.35
C TRP A 246 -9.08 30.42 3.38
N GLY A 247 -8.59 29.24 3.74
CA GLY A 247 -8.85 28.05 2.96
C GLY A 247 -10.16 27.43 3.40
N LEU A 248 -10.71 26.54 2.58
CA LEU A 248 -11.96 25.85 2.90
C LEU A 248 -11.80 24.34 2.80
N LEU A 249 -11.83 23.67 3.96
CA LEU A 249 -11.82 22.22 4.00
C LEU A 249 -13.24 21.69 3.94
N CYS A 250 -13.50 20.78 3.00
CA CYS A 250 -14.82 20.17 2.84
C CYS A 250 -14.70 18.65 2.76
N THR A 251 -15.62 17.96 3.42
CA THR A 251 -15.70 16.50 3.37
C THR A 251 -17.10 16.07 2.93
N LEU A 252 -17.16 15.11 2.03
CA LEU A 252 -18.43 14.64 1.48
C LEU A 252 -18.52 13.12 1.47
N ASN A 253 -19.75 12.61 1.61
CA ASN A 253 -20.01 11.18 1.49
C ASN A 253 -20.49 10.82 0.09
N VAL A 254 -20.13 9.63 -0.36
CA VAL A 254 -20.58 9.12 -1.66
C VAL A 254 -21.26 7.78 -1.49
N VAL A 255 -22.41 7.61 -2.14
CA VAL A 255 -23.17 6.37 -2.06
C VAL A 255 -23.62 5.91 -3.44
N SER B 8 6.74 -3.16 41.36
CA SER B 8 7.55 -3.12 40.15
C SER B 8 7.73 -1.69 39.65
N THR B 9 8.52 -1.53 38.59
CA THR B 9 8.82 -0.21 38.03
C THR B 9 8.61 -0.19 36.52
N ILE B 10 7.81 0.78 36.05
CA ILE B 10 7.58 0.97 34.62
C ILE B 10 8.19 2.30 34.18
N SER B 11 8.76 2.31 32.98
CA SER B 11 9.32 3.51 32.38
C SER B 11 8.88 3.62 30.94
N PHE B 12 8.60 4.84 30.49
CA PHE B 12 8.17 5.05 29.11
C PHE B 12 8.49 6.45 28.60
N ILE B 13 8.51 6.59 27.28
CA ILE B 13 8.74 7.87 26.63
C ILE B 13 7.58 8.17 25.67
N THR B 14 6.93 9.31 25.86
CA THR B 14 5.96 9.82 24.90
C THR B 14 6.61 10.94 24.10
N TRP B 15 6.43 10.92 22.79
CA TRP B 15 7.18 11.82 21.93
C TRP B 15 6.55 11.99 20.55
N ASN B 16 6.22 13.23 20.19
CA ASN B 16 5.80 13.56 18.84
C ASN B 16 7.03 13.77 17.98
N ILE B 17 7.40 12.74 17.22
CA ILE B 17 8.64 12.77 16.43
C ILE B 17 8.54 13.60 15.16
N ASP B 18 7.37 14.22 14.94
CA ASP B 18 7.19 15.16 13.84
C ASP B 18 7.51 14.53 12.48
N GLY B 19 6.66 13.59 12.05
CA GLY B 19 6.84 12.94 10.77
C GLY B 19 6.35 13.77 9.60
N LEU B 20 5.62 14.84 9.90
CA LEU B 20 5.10 15.73 8.86
C LEU B 20 6.16 16.70 8.36
N ASP B 21 7.38 16.55 8.86
CA ASP B 21 8.53 17.30 8.36
C ASP B 21 9.38 16.39 7.50
N GLY B 22 9.28 16.57 6.18
CA GLY B 22 9.97 15.69 5.24
C GLY B 22 11.46 15.97 5.13
N CYS B 23 11.96 16.93 5.91
CA CYS B 23 13.36 17.33 5.83
C CYS B 23 14.19 16.62 6.89
N ASN B 24 15.27 15.98 6.44
CA ASN B 24 16.22 15.33 7.33
C ASN B 24 15.58 14.26 8.22
N LEU B 25 14.53 13.63 7.71
CA LEU B 25 13.77 12.66 8.51
C LEU B 25 14.57 11.39 8.81
N PRO B 26 15.31 10.86 7.82
CA PRO B 26 16.11 9.65 8.09
C PRO B 26 17.14 9.86 9.21
N GLU B 27 17.81 11.00 9.20
CA GLU B 27 18.78 11.32 10.24
C GLU B 27 18.09 11.66 11.55
N ARG B 28 16.94 12.31 11.47
CA ARG B 28 16.15 12.64 12.64
C ARG B 28 15.60 11.38 13.28
N ALA B 29 15.42 10.33 12.48
CA ALA B 29 14.97 9.05 12.98
C ALA B 29 16.08 8.38 13.79
N ARG B 30 17.32 8.52 13.31
CA ARG B 30 18.47 8.02 14.04
C ARG B 30 18.60 8.73 15.38
N GLY B 31 18.28 10.02 15.39
CA GLY B 31 18.34 10.81 16.61
C GLY B 31 17.37 10.32 17.66
N VAL B 32 16.19 9.90 17.21
CA VAL B 32 15.17 9.38 18.12
C VAL B 32 15.57 7.98 18.58
N CYS B 33 15.92 7.11 17.63
CA CYS B 33 16.32 5.75 17.95
C CYS B 33 17.54 5.73 18.87
N SER B 34 18.42 6.71 18.69
CA SER B 34 19.59 6.84 19.55
C SER B 34 19.18 7.30 20.94
N CYS B 35 18.16 8.16 20.99
CA CYS B 35 17.63 8.64 22.26
C CYS B 35 16.92 7.52 23.00
N LEU B 36 16.12 6.74 22.27
CA LEU B 36 15.40 5.62 22.86
C LEU B 36 16.37 4.56 23.38
N ALA B 37 17.39 4.26 22.58
CA ALA B 37 18.39 3.26 22.96
C ALA B 37 19.20 3.71 24.17
N LEU B 38 19.22 5.01 24.41
CA LEU B 38 19.98 5.58 25.51
C LEU B 38 19.28 5.33 26.85
N TYR B 39 17.97 5.58 26.88
CA TYR B 39 17.19 5.40 28.10
C TYR B 39 16.63 3.98 28.18
N SER B 40 16.37 3.40 27.00
CA SER B 40 15.83 2.04 26.92
C SER B 40 14.57 1.87 27.75
N PRO B 41 13.52 2.66 27.46
CA PRO B 41 12.26 2.56 28.20
C PRO B 41 11.52 1.26 27.91
N ASP B 42 10.56 0.92 28.77
CA ASP B 42 9.76 -0.28 28.58
C ASP B 42 8.72 -0.05 27.46
N VAL B 43 8.24 1.18 27.38
CA VAL B 43 7.23 1.56 26.39
C VAL B 43 7.60 2.87 25.72
N VAL B 44 7.20 3.03 24.47
CA VAL B 44 7.39 4.29 23.76
C VAL B 44 6.13 4.68 22.99
N PHE B 45 5.53 5.78 23.39
CA PHE B 45 4.37 6.33 22.68
C PHE B 45 4.84 7.34 21.65
N LEU B 46 4.43 7.15 20.39
CA LEU B 46 4.84 8.05 19.31
C LEU B 46 3.63 8.69 18.64
N GLN B 47 3.82 9.89 18.12
CA GLN B 47 2.80 10.59 17.36
C GLN B 47 3.40 11.13 16.06
N GLU B 48 2.55 11.35 15.06
CA GLU B 48 2.98 11.77 13.73
C GLU B 48 4.01 10.81 13.16
N VAL B 49 3.70 9.52 13.19
CA VAL B 49 4.55 8.50 12.59
C VAL B 49 4.04 8.16 11.20
N ILE B 50 4.93 8.16 10.22
CA ILE B 50 4.58 7.84 8.84
C ILE B 50 5.23 6.52 8.43
N PRO B 51 4.71 5.87 7.37
CA PRO B 51 5.19 4.55 6.95
C PRO B 51 6.72 4.43 6.79
N PRO B 52 7.35 5.36 6.06
CA PRO B 52 8.81 5.21 5.91
C PRO B 52 9.56 5.39 7.22
N TYR B 53 8.96 6.15 8.14
CA TYR B 53 9.55 6.36 9.45
C TYR B 53 9.36 5.11 10.30
N CYS B 54 8.22 4.46 10.15
CA CYS B 54 7.90 3.25 10.90
C CYS B 54 8.81 2.10 10.50
N ALA B 55 9.13 2.04 9.21
CA ALA B 55 10.02 1.01 8.68
C ALA B 55 11.45 1.22 9.16
N TYR B 56 11.76 2.45 9.57
CA TYR B 56 13.10 2.80 10.03
C TYR B 56 13.28 2.41 11.50
N LEU B 57 12.17 2.38 12.23
CA LEU B 57 12.19 1.94 13.62
C LEU B 57 12.47 0.45 13.70
N LYS B 58 11.94 -0.30 12.74
CA LYS B 58 12.13 -1.75 12.68
C LYS B 58 13.61 -2.12 12.61
N LYS B 59 14.42 -1.22 12.04
CA LYS B 59 15.83 -1.50 11.83
C LYS B 59 16.71 -1.03 12.99
N ARG B 60 16.42 0.16 13.53
CA ARG B 60 17.24 0.75 14.59
C ARG B 60 16.55 0.75 15.94
N ALA B 61 15.44 0.02 16.05
CA ALA B 61 14.77 -0.20 17.32
C ALA B 61 14.17 -1.60 17.32
N ALA B 62 14.99 -2.58 16.96
CA ALA B 62 14.56 -3.96 16.77
C ALA B 62 14.06 -4.59 18.07
N SER B 63 14.55 -4.09 19.20
CA SER B 63 14.16 -4.63 20.49
C SER B 63 12.76 -4.20 20.90
N TYR B 64 12.10 -3.43 20.03
CA TYR B 64 10.74 -2.95 20.28
C TYR B 64 9.73 -3.51 19.28
N THR B 65 8.62 -4.04 19.80
CA THR B 65 7.50 -4.48 18.98
C THR B 65 6.60 -3.29 18.68
N ILE B 66 6.28 -3.09 17.40
CA ILE B 66 5.56 -1.89 16.96
C ILE B 66 4.07 -2.14 16.77
N ILE B 67 3.26 -1.29 17.40
CA ILE B 67 1.82 -1.23 17.17
C ILE B 67 1.47 0.13 16.58
N THR B 68 0.90 0.15 15.38
CA THR B 68 0.56 1.41 14.72
C THR B 68 -0.92 1.74 14.83
N GLY B 69 -1.23 3.03 14.80
CA GLY B 69 -2.60 3.50 14.85
C GLY B 69 -3.26 3.54 13.48
N ASN B 70 -2.46 3.34 12.44
CA ASN B 70 -2.96 3.34 11.07
C ASN B 70 -1.90 2.77 10.12
N GLU B 71 -2.26 2.63 8.85
CA GLU B 71 -1.35 2.05 7.86
C GLU B 71 -0.92 3.08 6.81
N GLU B 72 -1.70 4.14 6.66
CA GLU B 72 -1.43 5.17 5.67
C GLU B 72 -1.49 6.57 6.28
N GLY B 73 -0.90 7.53 5.59
CA GLY B 73 -0.84 8.90 6.07
C GLY B 73 0.12 9.02 7.23
N TYR B 74 -0.32 9.68 8.30
CA TYR B 74 0.45 9.74 9.54
C TYR B 74 -0.42 9.27 10.69
N PHE B 75 0.21 8.75 11.73
CA PHE B 75 -0.48 8.04 12.79
C PHE B 75 0.36 7.89 14.04
N THR B 76 -0.27 7.50 15.13
CA THR B 76 0.43 7.24 16.39
C THR B 76 0.95 5.80 16.40
N ALA B 77 1.81 5.50 17.37
CA ALA B 77 2.34 4.15 17.51
C ALA B 77 2.82 3.90 18.93
N ILE B 78 2.62 2.66 19.39
CA ILE B 78 3.11 2.23 20.70
C ILE B 78 4.14 1.12 20.53
N LEU B 79 5.35 1.37 21.04
CA LEU B 79 6.44 0.41 20.97
C LEU B 79 6.59 -0.31 22.31
N LEU B 80 6.74 -1.62 22.26
CA LEU B 80 6.85 -2.44 23.47
C LEU B 80 8.19 -3.17 23.52
N LYS B 81 8.92 -2.98 24.62
CA LYS B 81 10.22 -3.62 24.79
C LYS B 81 10.08 -5.14 24.85
N LYS B 82 10.79 -5.81 23.95
CA LYS B 82 10.78 -7.28 23.91
C LYS B 82 11.51 -7.86 25.11
N GLY B 83 10.89 -8.87 25.74
CA GLY B 83 11.45 -9.50 26.92
C GLY B 83 10.79 -9.02 28.19
N ARG B 84 10.37 -7.75 28.20
CA ARG B 84 9.72 -7.15 29.35
C ARG B 84 8.21 -7.05 29.16
N VAL B 85 7.81 -6.41 28.05
CA VAL B 85 6.40 -6.16 27.79
C VAL B 85 5.81 -7.21 26.85
N LYS B 86 4.80 -7.93 27.33
CA LYS B 86 4.11 -8.93 26.54
C LYS B 86 2.84 -8.34 25.93
N PHE B 87 2.74 -8.41 24.61
CA PHE B 87 1.56 -7.90 23.90
C PHE B 87 0.39 -8.86 24.04
N LYS B 88 -0.75 -8.33 24.45
CA LYS B 88 -1.96 -9.14 24.67
C LYS B 88 -3.06 -8.78 23.67
N SER B 89 -3.24 -7.49 23.41
CA SER B 89 -4.25 -7.04 22.45
C SER B 89 -4.09 -5.55 22.12
N GLN B 90 -4.55 -5.19 20.92
CA GLN B 90 -4.63 -3.79 20.52
C GLN B 90 -6.09 -3.40 20.34
N GLU B 91 -6.42 -2.16 20.71
CA GLU B 91 -7.78 -1.65 20.53
C GLU B 91 -7.74 -0.22 19.99
N ILE B 92 -8.49 0.01 18.92
CA ILE B 92 -8.54 1.32 18.28
C ILE B 92 -9.94 1.92 18.40
N ILE B 93 -10.01 3.09 19.02
CA ILE B 93 -11.26 3.83 19.17
C ILE B 93 -11.23 5.06 18.26
N PRO B 94 -12.22 5.17 17.37
CA PRO B 94 -12.20 6.28 16.41
C PRO B 94 -12.66 7.61 16.99
N PHE B 95 -12.30 8.70 16.31
CA PHE B 95 -12.85 10.02 16.59
C PHE B 95 -13.74 10.42 15.41
N PRO B 96 -15.04 10.10 15.48
CA PRO B 96 -15.96 10.25 14.34
C PRO B 96 -15.89 11.59 13.62
N ASN B 97 -15.52 12.67 14.33
CA ASN B 97 -15.52 14.01 13.76
C ASN B 97 -14.13 14.57 13.52
N THR B 98 -13.13 13.71 13.48
CA THR B 98 -11.76 14.15 13.21
C THR B 98 -11.63 14.62 11.77
N LYS B 99 -10.78 15.62 11.55
CA LYS B 99 -10.48 16.11 10.21
C LYS B 99 -9.01 15.89 9.88
N MET B 100 -8.32 15.15 10.75
CA MET B 100 -6.88 14.97 10.64
C MET B 100 -6.49 13.51 10.87
N MET B 101 -7.43 12.60 10.65
CA MET B 101 -7.19 11.17 10.80
C MET B 101 -6.71 10.81 12.20
N ARG B 102 -7.29 11.44 13.21
CA ARG B 102 -6.90 11.19 14.60
C ARG B 102 -7.77 10.11 15.22
N ASN B 103 -7.19 9.37 16.16
CA ASN B 103 -7.91 8.31 16.87
C ASN B 103 -7.28 8.04 18.23
N LEU B 104 -7.77 7.01 18.90
CA LEU B 104 -7.24 6.61 20.21
C LEU B 104 -6.72 5.19 20.15
N LEU B 105 -5.40 5.05 20.20
CA LEU B 105 -4.76 3.74 20.10
C LEU B 105 -4.50 3.16 21.49
N CYS B 106 -5.13 2.02 21.77
CA CYS B 106 -4.96 1.32 23.03
C CYS B 106 -4.26 -0.01 22.81
N VAL B 107 -3.37 -0.37 23.72
CA VAL B 107 -2.63 -1.63 23.63
C VAL B 107 -2.51 -2.27 25.00
N ASN B 108 -3.27 -3.34 25.23
CA ASN B 108 -3.21 -4.08 26.48
C ASN B 108 -1.97 -4.96 26.52
N VAL B 109 -1.23 -4.90 27.63
CA VAL B 109 0.01 -5.64 27.77
C VAL B 109 0.20 -6.19 29.18
N SER B 110 1.28 -6.96 29.35
CA SER B 110 1.69 -7.44 30.67
C SER B 110 3.13 -6.99 30.93
N LEU B 111 3.39 -6.48 32.13
CA LEU B 111 4.70 -5.95 32.47
C LEU B 111 5.02 -6.17 33.94
N GLY B 112 6.05 -6.96 34.21
CA GLY B 112 6.46 -7.26 35.57
C GLY B 112 5.41 -8.04 36.33
N GLY B 113 4.55 -8.74 35.59
CA GLY B 113 3.49 -9.53 36.18
C GLY B 113 2.25 -8.71 36.49
N ASN B 114 2.16 -7.52 35.90
CA ASN B 114 1.01 -6.64 36.10
C ASN B 114 0.36 -6.27 34.77
N GLU B 115 -0.96 -6.12 34.78
CA GLU B 115 -1.70 -5.78 33.58
C GLU B 115 -1.69 -4.27 33.34
N PHE B 116 -1.54 -3.89 32.08
CA PHE B 116 -1.53 -2.47 31.69
C PHE B 116 -2.35 -2.22 30.43
N CYS B 117 -3.04 -1.09 30.41
CA CYS B 117 -3.72 -0.61 29.21
C CYS B 117 -3.04 0.66 28.72
N LEU B 118 -2.12 0.49 27.77
CA LEU B 118 -1.32 1.60 27.27
C LEU B 118 -2.05 2.37 26.17
N MET B 119 -2.40 3.62 26.46
CA MET B 119 -3.15 4.45 25.54
C MET B 119 -2.30 5.60 24.98
N THR B 120 -2.56 5.97 23.74
CA THR B 120 -1.92 7.14 23.14
C THR B 120 -2.82 7.73 22.06
N SER B 121 -2.61 9.01 21.77
CA SER B 121 -3.40 9.69 20.76
C SER B 121 -2.78 11.04 20.41
N HIS B 122 -3.04 11.49 19.19
CA HIS B 122 -2.62 12.81 18.74
C HIS B 122 -3.88 13.64 18.50
N LEU B 123 -4.36 14.29 19.55
CA LEU B 123 -5.63 15.01 19.49
C LEU B 123 -5.61 16.09 18.42
N GLU B 124 -6.80 16.55 18.03
CA GLU B 124 -6.96 17.52 16.96
C GLU B 124 -6.07 18.74 17.17
N SER B 125 -5.28 19.07 16.15
CA SER B 125 -4.30 20.15 16.26
C SER B 125 -4.94 21.53 16.03
N THR B 126 -4.12 22.57 16.16
CA THR B 126 -4.51 23.95 15.91
C THR B 126 -5.45 24.51 16.97
N ARG B 127 -5.43 25.83 17.10
CA ARG B 127 -6.25 26.55 18.09
C ARG B 127 -7.71 26.58 17.68
N GLU B 128 -7.96 26.57 16.37
CA GLU B 128 -9.31 26.72 15.83
C GLU B 128 -10.19 25.53 16.20
N HIS B 129 -9.65 24.33 16.05
CA HIS B 129 -10.39 23.10 16.34
C HIS B 129 -10.31 22.77 17.83
N SER B 130 -10.64 23.75 18.66
CA SER B 130 -10.64 23.56 20.11
C SER B 130 -11.80 22.69 20.54
N ALA B 131 -12.94 22.84 19.87
CA ALA B 131 -14.14 22.10 20.21
C ALA B 131 -13.92 20.59 20.03
N GLU B 132 -13.43 20.21 18.86
CA GLU B 132 -13.18 18.80 18.55
C GLU B 132 -12.12 18.22 19.49
N ARG B 133 -11.08 19.00 19.75
CA ARG B 133 -10.01 18.56 20.64
C ARG B 133 -10.54 18.29 22.05
N ILE B 134 -11.50 19.09 22.48
CA ILE B 134 -12.14 18.88 23.78
C ILE B 134 -13.01 17.64 23.73
N ARG B 135 -13.75 17.48 22.63
CA ARG B 135 -14.62 16.31 22.47
C ARG B 135 -13.80 15.03 22.44
N GLN B 136 -12.63 15.09 21.82
CA GLN B 136 -11.73 13.95 21.76
C GLN B 136 -11.17 13.63 23.13
N LEU B 137 -10.84 14.67 23.89
CA LEU B 137 -10.31 14.49 25.24
C LEU B 137 -11.27 13.71 26.11
N LYS B 138 -12.57 14.02 25.99
CA LYS B 138 -13.61 13.33 26.74
C LYS B 138 -13.61 11.84 26.40
N THR B 139 -13.37 11.53 25.14
CA THR B 139 -13.34 10.14 24.68
C THR B 139 -12.15 9.41 25.32
N VAL B 140 -11.02 10.09 25.40
CA VAL B 140 -9.83 9.52 26.03
C VAL B 140 -10.08 9.27 27.50
N LEU B 141 -10.50 10.31 28.21
CA LEU B 141 -10.77 10.21 29.65
C LEU B 141 -11.84 9.17 29.94
N GLY B 142 -12.83 9.10 29.06
CA GLY B 142 -13.91 8.14 29.22
C GLY B 142 -13.43 6.72 29.15
N LYS B 143 -12.53 6.46 28.19
CA LYS B 143 -11.98 5.12 28.00
C LYS B 143 -11.16 4.69 29.21
N MET B 144 -10.45 5.62 29.81
CA MET B 144 -9.63 5.33 30.99
C MET B 144 -10.48 4.84 32.15
N GLN B 145 -11.70 5.37 32.25
CA GLN B 145 -12.61 4.99 33.31
C GLN B 145 -13.29 3.66 33.02
N GLU B 146 -13.51 3.37 31.74
CA GLU B 146 -14.18 2.15 31.32
C GLU B 146 -13.32 0.91 31.56
N ALA B 147 -12.01 1.09 31.52
CA ALA B 147 -11.08 -0.03 31.68
C ALA B 147 -11.29 -0.74 33.01
N PRO B 148 -11.07 -2.07 33.05
CA PRO B 148 -11.26 -2.82 34.29
C PRO B 148 -10.38 -2.32 35.43
N ASP B 149 -10.85 -2.51 36.67
CA ASP B 149 -10.10 -2.09 37.84
C ASP B 149 -8.81 -2.90 38.00
N SER B 150 -8.78 -4.07 37.37
CA SER B 150 -7.62 -4.95 37.45
C SER B 150 -6.41 -4.34 36.76
N THR B 151 -6.60 -3.91 35.51
CA THR B 151 -5.52 -3.34 34.72
C THR B 151 -5.20 -1.91 35.14
N THR B 152 -3.94 -1.51 34.96
CA THR B 152 -3.50 -0.14 35.21
C THR B 152 -3.51 0.66 33.92
N VAL B 153 -4.20 1.79 33.93
CA VAL B 153 -4.35 2.60 32.72
C VAL B 153 -3.35 3.74 32.68
N ILE B 154 -2.71 3.92 31.52
CA ILE B 154 -1.76 5.00 31.31
C ILE B 154 -1.92 5.57 29.91
N PHE B 155 -2.32 6.84 29.83
CA PHE B 155 -2.39 7.57 28.57
C PHE B 155 -1.20 8.49 28.44
N ALA B 156 -0.70 8.64 27.22
CA ALA B 156 0.41 9.54 26.95
C ALA B 156 0.48 9.87 25.47
N GLY B 157 0.58 11.17 25.16
CA GLY B 157 0.67 11.61 23.77
C GLY B 157 0.49 13.10 23.61
N ASP B 158 0.55 13.56 22.37
CA ASP B 158 0.34 14.96 22.05
C ASP B 158 -1.14 15.32 22.16
N THR B 159 -1.49 16.10 23.18
CA THR B 159 -2.89 16.45 23.44
C THR B 159 -3.28 17.77 22.76
N ASN B 160 -2.29 18.56 22.39
CA ASN B 160 -2.53 19.87 21.76
C ASN B 160 -3.40 20.78 22.63
N LEU B 161 -3.51 20.45 23.91
CA LEU B 161 -4.36 21.21 24.83
C LEU B 161 -3.72 22.54 25.19
N ARG B 162 -4.56 23.51 25.54
CA ARG B 162 -4.09 24.85 25.86
C ARG B 162 -5.19 25.65 26.55
N ASP B 163 -4.81 26.78 27.15
CA ASP B 163 -5.77 27.68 27.79
C ASP B 163 -6.61 26.95 28.84
N GLN B 164 -7.93 26.97 28.67
CA GLN B 164 -8.85 26.35 29.61
C GLN B 164 -9.60 25.18 28.98
N GLU B 165 -9.00 24.58 27.96
CA GLU B 165 -9.64 23.50 27.21
C GLU B 165 -9.89 22.28 28.07
N VAL B 166 -9.12 22.12 29.14
CA VAL B 166 -9.33 21.04 30.10
C VAL B 166 -10.47 21.41 31.04
N ILE B 167 -10.61 22.69 31.31
CA ILE B 167 -11.67 23.18 32.20
C ILE B 167 -13.03 23.10 31.50
N LYS B 168 -13.07 23.51 30.23
CA LYS B 168 -14.30 23.44 29.45
C LYS B 168 -14.72 21.99 29.25
N CYS B 169 -13.77 21.08 29.35
CA CYS B 169 -14.03 19.65 29.20
C CYS B 169 -14.74 19.09 30.44
N GLY B 170 -14.52 19.74 31.58
CA GLY B 170 -15.11 19.33 32.84
C GLY B 170 -14.06 18.93 33.87
N GLY B 171 -12.79 18.91 33.44
CA GLY B 171 -11.71 18.54 34.32
C GLY B 171 -11.48 17.04 34.33
N LEU B 172 -10.29 16.63 34.75
CA LEU B 172 -9.95 15.21 34.82
C LEU B 172 -10.79 14.52 35.88
N PRO B 173 -11.15 13.24 35.66
CA PRO B 173 -11.85 12.48 36.70
C PRO B 173 -11.06 12.42 38.00
N ASP B 174 -11.74 12.12 39.11
CA ASP B 174 -11.12 12.11 40.43
C ASP B 174 -9.99 11.08 40.54
N ASN B 175 -10.11 9.99 39.78
CA ASN B 175 -9.15 8.90 39.84
C ASN B 175 -8.07 9.00 38.77
N VAL B 176 -8.22 9.95 37.85
CA VAL B 176 -7.24 10.17 36.78
C VAL B 176 -6.35 11.37 37.11
N PHE B 177 -5.04 11.16 37.05
CA PHE B 177 -4.07 12.18 37.44
C PHE B 177 -3.11 12.53 36.31
N ASP B 178 -2.78 13.82 36.21
CA ASP B 178 -1.73 14.28 35.31
C ASP B 178 -0.39 14.09 35.99
N ALA B 179 0.52 13.37 35.34
CA ALA B 179 1.81 13.03 35.92
C ALA B 179 2.63 14.28 36.25
N TRP B 180 2.59 15.27 35.37
CA TRP B 180 3.34 16.49 35.56
C TRP B 180 2.82 17.27 36.77
N GLU B 181 1.50 17.31 36.92
CA GLU B 181 0.88 18.00 38.04
C GLU B 181 1.13 17.27 39.36
N PHE B 182 1.24 15.95 39.27
CA PHE B 182 1.44 15.12 40.46
C PHE B 182 2.81 15.39 41.09
N LEU B 183 3.80 15.69 40.26
CA LEU B 183 5.16 15.91 40.74
C LEU B 183 5.39 17.36 41.19
N GLY B 184 4.30 18.10 41.36
CA GLY B 184 4.38 19.46 41.87
C GLY B 184 4.69 20.50 40.79
N LYS B 185 4.36 20.16 39.55
CA LYS B 185 4.57 21.08 38.43
C LYS B 185 6.03 21.51 38.29
N PRO B 186 6.91 20.57 37.95
CA PRO B 186 8.33 20.89 37.73
C PRO B 186 8.53 21.79 36.52
N LYS B 187 9.40 22.79 36.65
CA LYS B 187 9.61 23.79 35.60
C LYS B 187 10.58 23.30 34.53
N HIS B 188 11.50 22.42 34.91
CA HIS B 188 12.54 21.95 34.00
C HIS B 188 11.97 21.15 32.84
N CYS B 189 10.76 20.62 33.02
CA CYS B 189 10.10 19.83 31.99
C CYS B 189 8.65 20.24 31.81
N GLN B 190 8.38 21.53 31.98
CA GLN B 190 7.03 22.06 31.85
C GLN B 190 6.60 22.13 30.39
N TYR B 191 7.37 22.87 29.59
CA TYR B 191 7.04 23.07 28.18
C TYR B 191 7.77 22.06 27.29
N THR B 192 7.00 21.29 26.53
CA THR B 192 7.55 20.28 25.64
C THR B 192 7.65 20.81 24.21
N TRP B 193 6.76 21.73 23.85
CA TRP B 193 6.78 22.37 22.54
CA TRP B 193 6.77 22.36 22.54
C TRP B 193 7.38 23.77 22.65
N ASP B 194 8.55 23.93 22.06
CA ASP B 194 9.28 25.21 22.10
C ASP B 194 9.47 25.77 20.70
N LYS B 208 5.42 28.94 23.85
CA LYS B 208 5.59 27.72 24.61
C LYS B 208 4.24 27.13 25.02
N HIS B 209 4.13 25.82 24.96
CA HIS B 209 2.91 25.12 25.36
C HIS B 209 3.23 23.77 25.99
N ARG B 210 2.27 23.22 26.73
CA ARG B 210 2.39 21.89 27.31
C ARG B 210 1.43 20.94 26.60
N PHE B 211 1.72 20.67 25.33
CA PHE B 211 0.86 19.81 24.52
C PHE B 211 1.01 18.34 24.90
N ASP B 212 2.24 17.91 25.16
CA ASP B 212 2.51 16.53 25.52
C ASP B 212 2.26 16.31 27.00
N ARG B 213 1.24 15.51 27.32
CA ARG B 213 0.84 15.26 28.70
C ARG B 213 0.70 13.77 28.97
N ILE B 214 0.80 13.40 30.24
CA ILE B 214 0.68 12.01 30.66
C ILE B 214 -0.42 11.86 31.70
N PHE B 215 -1.45 11.09 31.35
CA PHE B 215 -2.54 10.79 32.27
C PHE B 215 -2.42 9.34 32.73
N PHE B 216 -2.83 9.08 33.97
CA PHE B 216 -2.81 7.73 34.51
C PHE B 216 -3.88 7.57 35.59
N ARG B 217 -4.56 6.43 35.58
CA ARG B 217 -5.61 6.15 36.56
C ARG B 217 -5.03 5.43 37.77
N ALA B 218 -5.51 5.81 38.96
CA ALA B 218 -5.04 5.21 40.20
C ALA B 218 -6.15 5.22 41.25
N GLY B 221 -2.20 6.61 45.96
CA GLY B 221 -0.90 5.99 46.19
C GLY B 221 -0.81 4.61 45.56
N HIS B 222 -1.63 4.37 44.54
CA HIS B 222 -1.66 3.09 43.85
C HIS B 222 -0.58 3.04 42.77
N LEU B 223 -0.44 4.15 42.05
CA LEU B 223 0.58 4.29 41.02
C LEU B 223 1.29 5.63 41.20
N ILE B 224 2.58 5.57 41.51
CA ILE B 224 3.34 6.77 41.90
C ILE B 224 4.43 7.11 40.89
N PRO B 225 4.27 8.25 40.19
CA PRO B 225 5.36 8.74 39.32
C PRO B 225 6.61 9.12 40.12
N GLN B 226 7.78 8.68 39.65
CA GLN B 226 9.04 8.95 40.34
C GLN B 226 9.77 10.15 39.76
N SER B 227 9.81 10.23 38.43
CA SER B 227 10.55 11.29 37.76
C SER B 227 9.92 11.66 36.42
N LEU B 228 10.29 12.83 35.91
CA LEU B 228 9.81 13.31 34.61
C LEU B 228 10.85 14.24 34.00
N ASP B 229 11.38 13.85 32.84
CA ASP B 229 12.46 14.59 32.20
C ASP B 229 12.23 14.75 30.70
N LEU B 230 12.74 15.85 30.14
CA LEU B 230 12.69 16.08 28.71
C LEU B 230 13.81 15.32 28.01
N VAL B 231 13.55 14.83 26.81
CA VAL B 231 14.54 14.10 26.03
C VAL B 231 14.59 14.62 24.59
N GLY B 232 15.71 14.37 23.92
CA GLY B 232 15.91 14.82 22.56
C GLY B 232 16.22 16.31 22.50
N LEU B 233 16.89 16.81 23.52
CA LEU B 233 17.22 18.23 23.62
C LEU B 233 18.48 18.59 22.84
N GLU B 234 19.25 17.57 22.44
CA GLU B 234 20.50 17.80 21.72
C GLU B 234 20.26 17.93 20.21
N LYS B 235 21.03 18.83 19.59
CA LYS B 235 20.95 19.04 18.15
C LYS B 235 21.80 18.02 17.42
N LEU B 236 21.26 17.48 16.32
CA LEU B 236 21.93 16.44 15.57
C LEU B 236 23.00 17.01 14.63
N ASP B 237 23.62 16.15 13.83
CA ASP B 237 24.69 16.56 12.94
C ASP B 237 24.19 17.43 11.79
N CYS B 238 22.92 17.27 11.44
CA CYS B 238 22.32 18.05 10.35
C CYS B 238 21.94 19.45 10.80
N GLY B 239 22.23 19.78 12.06
CA GLY B 239 21.93 21.09 12.60
C GLY B 239 20.46 21.24 12.95
N ARG B 240 19.81 20.12 13.27
CA ARG B 240 18.42 20.12 13.66
C ARG B 240 18.17 19.11 14.77
N PHE B 241 17.13 19.37 15.56
CA PHE B 241 16.74 18.45 16.62
C PHE B 241 15.95 17.29 16.03
N PRO B 242 15.84 16.17 16.76
CA PRO B 242 15.07 15.02 16.29
C PRO B 242 13.62 15.37 15.93
N SER B 243 13.09 16.41 16.56
CA SER B 243 11.72 16.83 16.33
C SER B 243 11.47 18.24 16.85
N ASN B 244 10.37 18.85 16.43
CA ASN B 244 9.99 20.16 16.93
C ASN B 244 9.45 20.06 18.35
N HIS B 245 9.02 18.86 18.74
CA HIS B 245 8.61 18.58 20.11
C HIS B 245 9.76 17.96 20.89
N TRP B 246 9.80 18.23 22.19
CA TRP B 246 10.67 17.48 23.09
C TRP B 246 9.91 16.26 23.57
N GLY B 247 10.63 15.18 23.84
CA GLY B 247 10.01 13.97 24.36
C GLY B 247 9.88 14.04 25.87
N LEU B 248 8.96 13.24 26.42
CA LEU B 248 8.78 13.16 27.88
C LEU B 248 9.10 11.76 28.39
N LEU B 249 10.19 11.65 29.13
CA LEU B 249 10.58 10.39 29.77
C LEU B 249 9.99 10.34 31.18
N CYS B 250 9.20 9.30 31.44
CA CYS B 250 8.55 9.15 32.74
C CYS B 250 8.77 7.76 33.32
N THR B 251 8.95 7.69 34.63
CA THR B 251 9.09 6.43 35.35
C THR B 251 8.15 6.42 36.54
N LEU B 252 7.43 5.30 36.72
CA LEU B 252 6.46 5.16 37.81
C LEU B 252 6.70 3.89 38.60
N ASN B 253 6.49 3.96 39.91
CA ASN B 253 6.49 2.78 40.76
C ASN B 253 5.07 2.26 40.95
N VAL B 254 4.86 1.00 40.57
CA VAL B 254 3.55 0.37 40.69
C VAL B 254 3.40 -0.29 42.05
N VAL B 255 2.71 0.39 42.96
CA VAL B 255 2.50 -0.13 44.31
C VAL B 255 1.24 -0.97 44.37
N SER C 8 -36.95 -6.72 20.49
CA SER C 8 -36.44 -6.45 19.15
C SER C 8 -35.52 -7.57 18.67
N THR C 9 -35.58 -7.86 17.37
CA THR C 9 -34.80 -8.93 16.79
C THR C 9 -33.52 -8.40 16.13
N ILE C 10 -32.45 -9.17 16.24
CA ILE C 10 -31.19 -8.89 15.56
C ILE C 10 -30.77 -10.12 14.76
N SER C 11 -30.04 -9.92 13.68
CA SER C 11 -29.65 -11.01 12.80
C SER C 11 -28.23 -10.84 12.29
N PHE C 12 -27.62 -11.96 11.90
CA PHE C 12 -26.29 -11.91 11.31
C PHE C 12 -25.98 -13.15 10.48
N ILE C 13 -24.92 -13.06 9.69
CA ILE C 13 -24.45 -14.18 8.87
C ILE C 13 -22.95 -14.38 9.05
N THR C 14 -22.56 -15.60 9.43
CA THR C 14 -21.15 -15.98 9.43
C THR C 14 -20.92 -16.87 8.21
N TRP C 15 -19.86 -16.59 7.47
CA TRP C 15 -19.66 -17.24 6.18
C TRP C 15 -18.21 -17.23 5.72
N ASN C 16 -17.61 -18.41 5.63
CA ASN C 16 -16.29 -18.56 5.04
C ASN C 16 -16.40 -18.47 3.52
N ILE C 17 -16.20 -17.27 2.99
CA ILE C 17 -16.42 -17.02 1.56
C ILE C 17 -15.32 -17.62 0.67
N ASP C 18 -14.32 -18.23 1.30
CA ASP C 18 -13.28 -18.95 0.57
C ASP C 18 -12.56 -18.08 -0.44
N GLY C 19 -11.87 -17.04 0.05
CA GLY C 19 -11.18 -16.11 -0.83
C GLY C 19 -9.87 -16.65 -1.39
N LEU C 20 -9.39 -17.75 -0.81
CA LEU C 20 -8.12 -18.33 -1.24
C LEU C 20 -8.22 -18.97 -2.62
N ASP C 21 -9.42 -19.37 -3.01
CA ASP C 21 -9.65 -19.93 -4.33
C ASP C 21 -9.84 -18.79 -5.34
N GLY C 22 -8.82 -18.57 -6.17
CA GLY C 22 -8.84 -17.47 -7.12
C GLY C 22 -9.67 -17.72 -8.35
N CYS C 23 -10.29 -18.90 -8.44
CA CYS C 23 -11.09 -19.27 -9.59
C CYS C 23 -12.51 -18.69 -9.50
N ASN C 24 -12.88 -17.89 -10.49
CA ASN C 24 -14.22 -17.33 -10.59
C ASN C 24 -14.61 -16.52 -9.36
N LEU C 25 -13.61 -15.91 -8.73
CA LEU C 25 -13.83 -15.15 -7.51
C LEU C 25 -14.77 -13.94 -7.70
N PRO C 26 -14.54 -13.12 -8.74
CA PRO C 26 -15.43 -11.96 -8.90
C PRO C 26 -16.87 -12.35 -9.18
N GLU C 27 -17.08 -13.52 -9.77
CA GLU C 27 -18.43 -14.04 -9.99
C GLU C 27 -19.01 -14.53 -8.67
N ARG C 28 -18.15 -15.05 -7.82
CA ARG C 28 -18.56 -15.51 -6.49
C ARG C 28 -18.80 -14.31 -5.57
N ALA C 29 -18.07 -13.23 -5.81
CA ALA C 29 -18.25 -12.00 -5.05
C ALA C 29 -19.65 -11.44 -5.28
N ARG C 30 -20.15 -11.62 -6.50
CA ARG C 30 -21.53 -11.25 -6.82
C ARG C 30 -22.50 -12.13 -6.04
N GLY C 31 -22.12 -13.39 -5.86
CA GLY C 31 -22.95 -14.35 -5.16
C GLY C 31 -23.13 -13.99 -3.69
N VAL C 32 -22.02 -13.70 -3.02
CA VAL C 32 -22.06 -13.36 -1.60
C VAL C 32 -22.83 -12.05 -1.38
N CYS C 33 -22.58 -11.07 -2.24
CA CYS C 33 -23.26 -9.78 -2.12
C CYS C 33 -24.76 -9.92 -2.38
N SER C 34 -25.12 -10.80 -3.31
CA SER C 34 -26.52 -11.07 -3.61
C SER C 34 -27.21 -11.75 -2.44
N CYS C 35 -26.45 -12.59 -1.74
CA CYS C 35 -26.95 -13.28 -0.57
C CYS C 35 -27.23 -12.29 0.56
N LEU C 36 -26.23 -11.46 0.88
CA LEU C 36 -26.38 -10.46 1.93
C LEU C 36 -27.47 -9.45 1.58
N ALA C 37 -27.60 -9.14 0.30
CA ALA C 37 -28.60 -8.19 -0.16
C ALA C 37 -30.01 -8.76 0.00
N LEU C 38 -30.12 -10.08 -0.09
CA LEU C 38 -31.41 -10.77 0.02
C LEU C 38 -31.88 -10.85 1.47
N TYR C 39 -30.98 -11.28 2.36
CA TYR C 39 -31.33 -11.47 3.76
C TYR C 39 -31.15 -10.18 4.56
N SER C 40 -30.20 -9.35 4.13
CA SER C 40 -29.96 -8.06 4.77
C SER C 40 -29.74 -8.17 6.28
N PRO C 41 -28.73 -8.95 6.69
CA PRO C 41 -28.42 -9.08 8.12
C PRO C 41 -27.80 -7.82 8.70
N ASP C 42 -27.99 -7.60 10.00
CA ASP C 42 -27.44 -6.45 10.68
C ASP C 42 -25.91 -6.54 10.74
N VAL C 43 -25.43 -7.76 10.94
CA VAL C 43 -24.00 -8.03 11.05
C VAL C 43 -23.61 -9.15 10.08
N VAL C 44 -22.38 -9.11 9.58
CA VAL C 44 -21.87 -10.18 8.73
C VAL C 44 -20.44 -10.51 9.12
N PHE C 45 -20.25 -11.76 9.56
CA PHE C 45 -18.90 -12.26 9.84
C PHE C 45 -18.38 -13.00 8.61
N LEU C 46 -17.18 -12.64 8.16
CA LEU C 46 -16.58 -13.27 6.99
C LEU C 46 -15.24 -13.87 7.34
N GLN C 47 -14.91 -14.99 6.69
CA GLN C 47 -13.61 -15.63 6.85
C GLN C 47 -12.99 -15.88 5.48
N GLU C 48 -11.66 -15.93 5.45
CA GLU C 48 -10.91 -16.08 4.20
C GLU C 48 -11.27 -14.98 3.21
N VAL C 49 -11.18 -13.74 3.67
CA VAL C 49 -11.39 -12.57 2.81
C VAL C 49 -10.04 -12.00 2.38
N ILE C 50 -9.98 -11.51 1.14
CA ILE C 50 -8.74 -10.92 0.61
C ILE C 50 -9.01 -9.50 0.09
N PRO C 51 -7.95 -8.68 -0.05
CA PRO C 51 -8.08 -7.28 -0.44
C PRO C 51 -8.96 -7.02 -1.67
N PRO C 52 -8.74 -7.73 -2.80
CA PRO C 52 -9.58 -7.46 -3.96
C PRO C 52 -11.05 -7.81 -3.70
N TYR C 53 -11.27 -8.78 -2.82
CA TYR C 53 -12.61 -9.16 -2.41
C TYR C 53 -13.21 -8.09 -1.51
N CYS C 54 -12.36 -7.49 -0.68
CA CYS C 54 -12.79 -6.47 0.26
C CYS C 54 -13.24 -5.20 -0.47
N ALA C 55 -12.45 -4.78 -1.46
CA ALA C 55 -12.78 -3.61 -2.26
C ALA C 55 -14.07 -3.83 -3.05
N TYR C 56 -14.44 -5.09 -3.22
CA TYR C 56 -15.65 -5.45 -3.95
C TYR C 56 -16.88 -5.26 -3.07
N LEU C 57 -16.73 -5.53 -1.78
CA LEU C 57 -17.82 -5.33 -0.82
C LEU C 57 -18.15 -3.86 -0.68
N LYS C 58 -17.14 -3.00 -0.83
CA LYS C 58 -17.34 -1.56 -0.76
C LYS C 58 -18.26 -1.08 -1.88
N LYS C 59 -18.31 -1.86 -2.96
CA LYS C 59 -19.06 -1.49 -4.16
C LYS C 59 -20.51 -1.98 -4.13
N ARG C 60 -20.69 -3.29 -3.99
CA ARG C 60 -22.01 -3.90 -4.09
C ARG C 60 -22.63 -4.23 -2.73
N ALA C 61 -21.95 -3.87 -1.65
CA ALA C 61 -22.50 -3.98 -0.30
C ALA C 61 -22.27 -2.67 0.44
N ALA C 62 -22.64 -1.57 -0.21
CA ALA C 62 -22.36 -0.23 0.28
C ALA C 62 -23.12 0.10 1.57
N SER C 63 -24.14 -0.70 1.88
CA SER C 63 -24.92 -0.48 3.08
C SER C 63 -24.21 -1.01 4.33
N TYR C 64 -23.02 -1.56 4.16
CA TYR C 64 -22.26 -2.14 5.26
C TYR C 64 -20.92 -1.40 5.48
N THR C 65 -20.55 -1.27 6.75
CA THR C 65 -19.24 -0.74 7.12
C THR C 65 -18.27 -1.88 7.39
N ILE C 66 -17.21 -1.94 6.61
CA ILE C 66 -16.26 -3.07 6.66
C ILE C 66 -15.18 -2.86 7.71
N ILE C 67 -14.93 -3.90 8.50
CA ILE C 67 -13.82 -3.93 9.45
C ILE C 67 -12.99 -5.18 9.20
N THR C 68 -11.81 -5.01 8.63
CA THR C 68 -10.96 -6.15 8.28
C THR C 68 -10.05 -6.54 9.45
N GLY C 69 -9.76 -7.84 9.55
CA GLY C 69 -8.90 -8.35 10.60
C GLY C 69 -7.43 -8.21 10.25
N ASN C 70 -7.14 -7.96 8.98
CA ASN C 70 -5.77 -7.75 8.53
C ASN C 70 -5.78 -6.98 7.21
N GLU C 71 -4.61 -6.50 6.79
CA GLU C 71 -4.50 -5.67 5.59
C GLU C 71 -3.83 -6.40 4.43
N GLU C 72 -3.22 -7.55 4.71
CA GLU C 72 -2.52 -8.32 3.68
C GLU C 72 -2.79 -9.82 3.82
N GLY C 73 -2.56 -10.55 2.74
CA GLY C 73 -2.82 -11.98 2.70
C GLY C 73 -4.31 -12.26 2.65
N TYR C 74 -4.78 -13.14 3.53
CA TYR C 74 -6.21 -13.38 3.69
C TYR C 74 -6.58 -13.23 5.15
N PHE C 75 -7.85 -12.92 5.42
CA PHE C 75 -8.26 -12.52 6.77
C PHE C 75 -9.77 -12.56 6.95
N THR C 76 -10.20 -12.36 8.19
CA THR C 76 -11.62 -12.27 8.50
C THR C 76 -12.09 -10.84 8.36
N ALA C 77 -13.41 -10.65 8.33
CA ALA C 77 -13.99 -9.32 8.20
C ALA C 77 -15.38 -9.26 8.84
N ILE C 78 -15.65 -8.17 9.53
CA ILE C 78 -16.97 -7.93 10.12
C ILE C 78 -17.63 -6.72 9.47
N LEU C 79 -18.80 -6.94 8.88
CA LEU C 79 -19.57 -5.88 8.25
C LEU C 79 -20.72 -5.44 9.14
N LEU C 80 -20.96 -4.14 9.21
CA LEU C 80 -22.00 -3.57 10.07
C LEU C 80 -23.01 -2.76 9.27
N LYS C 81 -24.28 -3.14 9.40
CA LYS C 81 -25.36 -2.44 8.70
C LYS C 81 -25.45 -0.98 9.13
N LYS C 82 -25.11 -0.08 8.20
CA LYS C 82 -25.17 1.35 8.48
C LYS C 82 -26.58 1.78 8.84
N GLY C 83 -26.69 2.68 9.81
CA GLY C 83 -27.97 3.16 10.28
C GLY C 83 -28.73 2.14 11.09
N ARG C 84 -28.03 1.06 11.47
CA ARG C 84 -28.61 -0.01 12.26
C ARG C 84 -27.65 -0.39 13.38
N VAL C 85 -26.37 -0.53 13.01
CA VAL C 85 -25.31 -0.84 13.97
C VAL C 85 -24.37 0.36 14.08
N LYS C 86 -24.08 0.76 15.31
CA LYS C 86 -23.18 1.88 15.58
C LYS C 86 -21.81 1.38 16.02
N PHE C 87 -20.79 1.66 15.21
CA PHE C 87 -19.43 1.24 15.49
C PHE C 87 -18.82 2.04 16.64
N LYS C 88 -18.34 1.34 17.67
CA LYS C 88 -17.76 1.97 18.84
C LYS C 88 -16.24 1.83 18.86
N SER C 89 -15.75 0.60 18.63
CA SER C 89 -14.32 0.35 18.57
C SER C 89 -14.03 -1.04 18.01
N GLN C 90 -12.79 -1.24 17.57
CA GLN C 90 -12.33 -2.56 17.12
C GLN C 90 -11.17 -3.01 17.99
N GLU C 91 -10.95 -4.32 18.05
CA GLU C 91 -9.89 -4.89 18.86
C GLU C 91 -9.34 -6.16 18.21
N ILE C 92 -8.02 -6.24 18.13
CA ILE C 92 -7.33 -7.39 17.54
C ILE C 92 -6.53 -8.15 18.60
N ILE C 93 -6.95 -9.38 18.88
CA ILE C 93 -6.20 -10.25 19.78
C ILE C 93 -5.44 -11.27 18.92
N PRO C 94 -4.11 -11.40 19.16
CA PRO C 94 -3.30 -12.26 18.31
C PRO C 94 -3.35 -13.75 18.68
N PHE C 95 -2.93 -14.58 17.75
CA PHE C 95 -2.65 -15.99 18.01
C PHE C 95 -1.16 -16.22 17.80
N PRO C 96 -0.34 -15.95 18.83
CA PRO C 96 1.12 -15.93 18.72
C PRO C 96 1.73 -17.12 17.95
N ASN C 97 1.15 -18.29 18.10
CA ASN C 97 1.71 -19.51 17.52
C ASN C 97 1.03 -19.93 16.22
N THR C 98 0.28 -19.02 15.60
CA THR C 98 -0.39 -19.33 14.34
C THR C 98 0.62 -19.48 13.21
N LYS C 99 0.31 -20.35 12.26
CA LYS C 99 1.15 -20.55 11.08
C LYS C 99 0.38 -20.14 9.82
N MET C 100 -0.79 -19.53 10.02
CA MET C 100 -1.69 -19.20 8.92
C MET C 100 -2.26 -17.79 9.05
N MET C 101 -1.56 -16.94 9.79
CA MET C 101 -1.94 -15.54 9.95
C MET C 101 -3.35 -15.39 10.53
N ARG C 102 -3.71 -16.27 11.45
CA ARG C 102 -5.02 -16.24 12.07
C ARG C 102 -5.03 -15.34 13.30
N ASN C 103 -6.19 -14.81 13.64
CA ASN C 103 -6.33 -13.96 14.81
C ASN C 103 -7.78 -13.89 15.30
N LEU C 104 -8.01 -13.10 16.34
CA LEU C 104 -9.34 -12.91 16.90
C LEU C 104 -9.79 -11.46 16.72
N LEU C 105 -10.62 -11.23 15.71
CA LEU C 105 -11.16 -9.90 15.46
C LEU C 105 -12.36 -9.63 16.35
N CYS C 106 -12.33 -8.50 17.05
CA CYS C 106 -13.41 -8.08 17.93
C CYS C 106 -13.87 -6.67 17.61
N VAL C 107 -15.17 -6.49 17.44
CA VAL C 107 -15.74 -5.19 17.14
C VAL C 107 -16.88 -4.87 18.12
N ASN C 108 -16.66 -3.88 18.97
CA ASN C 108 -17.67 -3.43 19.90
C ASN C 108 -18.63 -2.45 19.22
N VAL C 109 -19.93 -2.72 19.34
CA VAL C 109 -20.93 -1.91 18.67
C VAL C 109 -22.14 -1.64 19.56
N SER C 110 -23.01 -0.74 19.08
CA SER C 110 -24.28 -0.46 19.74
C SER C 110 -25.42 -0.73 18.77
N LEU C 111 -26.10 -1.86 18.97
CA LEU C 111 -27.23 -2.25 18.13
C LEU C 111 -28.53 -2.01 18.89
N GLY C 112 -29.30 -1.04 18.42
CA GLY C 112 -30.49 -0.60 19.14
C GLY C 112 -30.06 0.22 20.35
N GLY C 113 -30.46 -0.23 21.53
CA GLY C 113 -30.05 0.40 22.78
C GLY C 113 -29.21 -0.54 23.62
N ASN C 114 -28.67 -1.57 22.99
CA ASN C 114 -27.90 -2.61 23.68
C ASN C 114 -26.45 -2.64 23.21
N GLU C 115 -25.54 -2.95 24.14
CA GLU C 115 -24.12 -3.04 23.83
C GLU C 115 -23.77 -4.46 23.39
N PHE C 116 -22.99 -4.57 22.31
CA PHE C 116 -22.58 -5.86 21.78
C PHE C 116 -21.08 -5.93 21.53
N CYS C 117 -20.49 -7.08 21.85
CA CYS C 117 -19.10 -7.37 21.52
C CYS C 117 -19.04 -8.47 20.47
N LEU C 118 -19.06 -8.07 19.20
CA LEU C 118 -19.08 -9.02 18.10
C LEU C 118 -17.67 -9.55 17.84
N MET C 119 -17.56 -10.87 17.72
CA MET C 119 -16.27 -11.53 17.56
C MET C 119 -16.29 -12.52 16.40
N THR C 120 -15.16 -12.62 15.71
CA THR C 120 -15.00 -13.62 14.65
C THR C 120 -13.57 -14.12 14.60
N SER C 121 -13.39 -15.29 14.00
CA SER C 121 -12.05 -15.86 13.84
C SER C 121 -12.08 -17.04 12.89
N HIS C 122 -10.95 -17.30 12.26
CA HIS C 122 -10.76 -18.48 11.43
C HIS C 122 -9.67 -19.32 12.06
N LEU C 123 -10.05 -20.14 13.04
CA LEU C 123 -9.08 -20.92 13.81
C LEU C 123 -8.20 -21.78 12.92
N GLU C 124 -7.06 -22.21 13.46
CA GLU C 124 -6.06 -22.95 12.71
C GLU C 124 -6.68 -24.13 11.96
N SER C 125 -6.47 -24.15 10.64
CA SER C 125 -7.06 -25.18 9.79
C SER C 125 -6.35 -26.52 9.95
N THR C 126 -6.87 -27.53 9.24
CA THR C 126 -6.28 -28.85 9.17
C THR C 126 -6.36 -29.64 10.48
N ARG C 127 -6.43 -30.96 10.36
CA ARG C 127 -6.48 -31.85 11.50
C ARG C 127 -5.15 -31.89 12.24
N GLU C 128 -4.06 -31.65 11.52
CA GLU C 128 -2.72 -31.79 12.09
C GLU C 128 -2.45 -30.75 13.16
N HIS C 129 -2.96 -29.53 12.96
CA HIS C 129 -2.75 -28.44 13.90
C HIS C 129 -3.92 -28.34 14.88
N SER C 130 -4.39 -29.49 15.35
CA SER C 130 -5.48 -29.54 16.32
C SER C 130 -5.07 -28.87 17.63
N ALA C 131 -3.84 -29.12 18.07
CA ALA C 131 -3.32 -28.55 19.31
C ALA C 131 -3.37 -27.03 19.26
N GLU C 132 -2.95 -26.47 18.13
CA GLU C 132 -2.97 -25.03 17.94
C GLU C 132 -4.41 -24.52 17.88
N ARG C 133 -5.27 -25.27 17.21
CA ARG C 133 -6.68 -24.89 17.08
C ARG C 133 -7.36 -24.88 18.45
N ILE C 134 -6.94 -25.78 19.33
CA ILE C 134 -7.49 -25.83 20.69
C ILE C 134 -7.01 -24.65 21.51
N ARG C 135 -5.73 -24.30 21.37
CA ARG C 135 -5.18 -23.15 22.07
C ARG C 135 -5.87 -21.87 21.64
N GLN C 136 -6.13 -21.74 20.34
CA GLN C 136 -6.80 -20.57 19.80
C GLN C 136 -8.24 -20.51 20.28
N LEU C 137 -8.86 -21.67 20.45
CA LEU C 137 -10.24 -21.72 20.95
C LEU C 137 -10.31 -21.22 22.39
N LYS C 138 -9.31 -21.61 23.19
CA LYS C 138 -9.24 -21.17 24.58
C LYS C 138 -9.09 -19.65 24.67
N THR C 139 -8.44 -19.06 23.67
CA THR C 139 -8.25 -17.62 23.63
C THR C 139 -9.58 -16.92 23.37
N VAL C 140 -10.39 -17.50 22.47
CA VAL C 140 -11.70 -16.95 22.14
C VAL C 140 -12.61 -17.01 23.36
N LEU C 141 -12.76 -18.21 23.92
CA LEU C 141 -13.62 -18.41 25.09
C LEU C 141 -13.13 -17.56 26.26
N GLY C 142 -11.81 -17.38 26.35
CA GLY C 142 -11.23 -16.55 27.39
C GLY C 142 -11.64 -15.11 27.21
N LYS C 143 -11.68 -14.65 25.97
CA LYS C 143 -12.06 -13.28 25.66
C LYS C 143 -13.54 -13.05 25.92
N MET C 144 -14.36 -14.06 25.61
CA MET C 144 -15.80 -13.96 25.81
C MET C 144 -16.16 -13.79 27.29
N GLN C 145 -15.27 -14.24 28.16
CA GLN C 145 -15.49 -14.14 29.60
C GLN C 145 -14.99 -12.80 30.16
N GLU C 146 -14.04 -12.18 29.47
CA GLU C 146 -13.45 -10.93 29.93
C GLU C 146 -14.38 -9.74 29.76
N ALA C 147 -15.30 -9.84 28.81
CA ALA C 147 -16.19 -8.72 28.48
C ALA C 147 -17.07 -8.35 29.67
N PRO C 148 -17.45 -7.06 29.78
CA PRO C 148 -18.35 -6.63 30.86
C PRO C 148 -19.69 -7.34 30.82
N ASP C 149 -20.35 -7.44 31.97
CA ASP C 149 -21.65 -8.09 32.06
C ASP C 149 -22.72 -7.27 31.34
N SER C 150 -22.49 -5.97 31.21
CA SER C 150 -23.45 -5.08 30.57
C SER C 150 -23.58 -5.39 29.08
N THR C 151 -22.46 -5.68 28.43
CA THR C 151 -22.45 -5.93 27.00
C THR C 151 -22.66 -7.41 26.68
N THR C 152 -23.33 -7.67 25.56
CA THR C 152 -23.62 -9.02 25.10
C THR C 152 -22.53 -9.48 24.12
N VAL C 153 -21.97 -10.66 24.39
CA VAL C 153 -20.89 -11.19 23.55
C VAL C 153 -21.44 -12.20 22.54
N ILE C 154 -21.03 -12.07 21.29
CA ILE C 154 -21.41 -12.99 20.23
C ILE C 154 -20.21 -13.31 19.35
N PHE C 155 -19.77 -14.57 19.39
CA PHE C 155 -18.73 -15.05 18.51
C PHE C 155 -19.33 -15.84 17.36
N ALA C 156 -18.70 -15.76 16.20
CA ALA C 156 -19.16 -16.49 15.02
C ALA C 156 -18.05 -16.55 13.98
N GLY C 157 -17.70 -17.76 13.54
CA GLY C 157 -16.66 -17.93 12.55
C GLY C 157 -16.34 -19.38 12.25
N ASP C 158 -15.41 -19.57 11.31
CA ASP C 158 -14.98 -20.90 10.90
C ASP C 158 -13.97 -21.47 11.90
N THR C 159 -14.48 -22.21 12.89
CA THR C 159 -13.66 -22.69 13.99
C THR C 159 -12.82 -23.92 13.62
N ASN C 160 -13.14 -24.54 12.49
CA ASN C 160 -12.45 -25.75 12.05
C ASN C 160 -12.44 -26.84 13.11
N LEU C 161 -13.33 -26.74 14.09
CA LEU C 161 -13.39 -27.69 15.18
C LEU C 161 -14.02 -29.00 14.74
N ARG C 162 -13.63 -30.09 15.38
CA ARG C 162 -14.10 -31.42 14.98
C ARG C 162 -13.92 -32.41 16.12
N ASP C 163 -14.76 -33.45 16.12
CA ASP C 163 -14.64 -34.54 17.09
C ASP C 163 -14.69 -34.03 18.53
N GLN C 164 -13.88 -34.62 19.41
CA GLN C 164 -13.90 -34.28 20.82
C GLN C 164 -12.89 -33.19 21.17
N GLU C 165 -12.57 -32.33 20.20
CA GLU C 165 -11.62 -31.25 20.43
C GLU C 165 -12.18 -30.25 21.46
N VAL C 166 -13.48 -30.02 21.41
CA VAL C 166 -14.13 -29.13 22.37
C VAL C 166 -14.17 -29.78 23.76
N ILE C 167 -14.40 -31.08 23.78
CA ILE C 167 -14.45 -31.81 25.04
C ILE C 167 -13.06 -31.94 25.64
N LYS C 168 -12.07 -32.20 24.79
CA LYS C 168 -10.68 -32.30 25.22
C LYS C 168 -10.19 -30.94 25.70
N CYS C 169 -10.78 -29.88 25.15
CA CYS C 169 -10.47 -28.52 25.57
C CYS C 169 -11.05 -28.23 26.95
N GLY C 170 -12.03 -29.04 27.35
CA GLY C 170 -12.69 -28.90 28.64
C GLY C 170 -14.14 -28.50 28.49
N GLY C 171 -14.63 -28.48 27.26
CA GLY C 171 -16.01 -28.10 26.99
C GLY C 171 -16.23 -26.61 27.16
N LEU C 172 -17.36 -26.12 26.67
CA LEU C 172 -17.71 -24.71 26.81
C LEU C 172 -17.96 -24.37 28.28
N PRO C 173 -17.60 -23.15 28.69
CA PRO C 173 -17.85 -22.76 30.09
C PRO C 173 -19.34 -22.68 30.42
N ASP C 174 -19.65 -22.46 31.69
CA ASP C 174 -21.04 -22.52 32.16
C ASP C 174 -21.92 -21.44 31.56
N ASN C 175 -21.33 -20.30 31.18
CA ASN C 175 -22.10 -19.15 30.73
C ASN C 175 -21.96 -18.86 29.24
N VAL C 176 -21.37 -19.79 28.49
CA VAL C 176 -21.27 -19.67 27.04
C VAL C 176 -22.02 -20.82 26.38
N PHE C 177 -22.85 -20.50 25.39
CA PHE C 177 -23.70 -21.47 24.72
C PHE C 177 -23.48 -21.48 23.21
N ASP C 178 -23.67 -22.66 22.61
CA ASP C 178 -23.61 -22.80 21.16
C ASP C 178 -25.00 -22.58 20.59
N ALA C 179 -25.11 -21.69 19.60
CA ALA C 179 -26.39 -21.33 19.02
C ALA C 179 -27.06 -22.53 18.36
N TRP C 180 -26.26 -23.38 17.74
CA TRP C 180 -26.78 -24.58 17.09
C TRP C 180 -27.30 -25.56 18.13
N GLU C 181 -26.56 -25.72 19.22
CA GLU C 181 -26.99 -26.61 20.31
C GLU C 181 -28.19 -26.02 21.05
N PHE C 182 -28.22 -24.71 21.16
CA PHE C 182 -29.27 -24.03 21.90
C PHE C 182 -30.62 -24.14 21.20
N LEU C 183 -30.59 -24.37 19.88
CA LEU C 183 -31.82 -24.47 19.09
C LEU C 183 -32.27 -25.93 18.89
N GLY C 184 -31.57 -26.86 19.53
CA GLY C 184 -31.96 -28.26 19.52
C GLY C 184 -31.27 -29.11 18.48
N LYS C 185 -30.12 -28.63 18.01
CA LYS C 185 -29.31 -29.38 17.05
C LYS C 185 -30.09 -29.76 15.79
N PRO C 186 -30.58 -28.76 15.06
CA PRO C 186 -31.31 -29.02 13.81
C PRO C 186 -30.41 -29.64 12.74
N LYS C 187 -30.89 -30.67 12.05
CA LYS C 187 -30.07 -31.38 11.08
C LYS C 187 -30.03 -30.68 9.72
N HIS C 188 -30.98 -29.79 9.47
CA HIS C 188 -31.07 -29.12 8.18
C HIS C 188 -29.95 -28.10 7.98
N CYS C 189 -29.31 -27.72 9.08
CA CYS C 189 -28.18 -26.78 9.03
C CYS C 189 -27.06 -27.24 9.95
N GLN C 190 -26.92 -28.55 10.09
CA GLN C 190 -25.88 -29.12 10.93
C GLN C 190 -24.51 -28.97 10.28
N TYR C 191 -24.30 -29.68 9.17
CA TYR C 191 -23.03 -29.66 8.47
C TYR C 191 -23.01 -28.58 7.39
N THR C 192 -22.19 -27.56 7.60
CA THR C 192 -22.06 -26.46 6.64
C THR C 192 -21.19 -26.85 5.46
N TRP C 193 -20.66 -28.07 5.48
CA TRP C 193 -19.89 -28.62 4.36
C TRP C 193 -20.73 -29.60 3.56
N LYS C 208 -19.82 -33.97 7.27
CA LYS C 208 -18.43 -34.07 7.71
C LYS C 208 -18.29 -33.63 9.17
N HIS C 209 -18.21 -32.32 9.37
CA HIS C 209 -18.04 -31.75 10.72
C HIS C 209 -18.71 -30.39 10.85
N ARG C 210 -18.83 -29.92 12.09
CA ARG C 210 -19.34 -28.58 12.37
C ARG C 210 -18.18 -27.60 12.52
N PHE C 211 -17.65 -27.13 11.40
CA PHE C 211 -16.57 -26.16 11.43
C PHE C 211 -17.08 -24.77 11.77
N ASP C 212 -18.16 -24.36 11.11
CA ASP C 212 -18.78 -23.07 11.39
C ASP C 212 -19.64 -23.16 12.64
N ARG C 213 -19.30 -22.38 13.66
CA ARG C 213 -20.02 -22.40 14.92
C ARG C 213 -20.27 -20.99 15.46
N ILE C 214 -21.25 -20.88 16.36
CA ILE C 214 -21.64 -19.61 16.94
C ILE C 214 -21.70 -19.72 18.46
N PHE C 215 -20.94 -18.87 19.14
CA PHE C 215 -20.95 -18.82 20.60
C PHE C 215 -21.50 -17.48 21.08
N PHE C 216 -22.21 -17.51 22.20
CA PHE C 216 -22.72 -16.28 22.80
C PHE C 216 -22.79 -16.40 24.32
N ARG C 217 -22.73 -15.26 25.00
CA ARG C 217 -22.78 -15.21 26.46
C ARG C 217 -24.05 -14.53 26.93
N ALA C 218 -24.83 -15.25 27.74
CA ALA C 218 -26.08 -14.72 28.29
C ALA C 218 -25.82 -13.89 29.54
N GLY C 221 -31.55 -15.08 30.69
CA GLY C 221 -32.19 -15.11 29.39
C GLY C 221 -32.17 -13.76 28.71
N HIS C 222 -30.99 -13.15 28.66
CA HIS C 222 -30.82 -11.83 28.06
C HIS C 222 -30.80 -11.92 26.53
N LEU C 223 -30.20 -12.99 26.02
CA LEU C 223 -30.11 -13.22 24.58
C LEU C 223 -30.69 -14.59 24.24
N ILE C 224 -31.63 -14.61 23.29
CA ILE C 224 -32.33 -15.83 22.91
C ILE C 224 -32.32 -16.03 21.40
N PRO C 225 -31.50 -16.98 20.90
CA PRO C 225 -31.53 -17.33 19.48
C PRO C 225 -32.91 -17.79 19.04
N GLN C 226 -33.36 -17.33 17.88
CA GLN C 226 -34.69 -17.66 17.36
C GLN C 226 -34.63 -18.67 16.23
N SER C 227 -33.66 -18.49 15.33
CA SER C 227 -33.54 -19.38 14.18
C SER C 227 -32.09 -19.52 13.73
N LEU C 228 -31.85 -20.52 12.89
CA LEU C 228 -30.53 -20.76 12.31
C LEU C 228 -30.70 -21.47 10.97
N ASP C 229 -30.16 -20.87 9.91
CA ASP C 229 -30.33 -21.38 8.55
C ASP C 229 -29.04 -21.32 7.74
N LEU C 230 -29.01 -22.11 6.67
CA LEU C 230 -27.89 -22.07 5.73
C LEU C 230 -28.18 -21.05 4.63
N VAL C 231 -27.13 -20.41 4.14
CA VAL C 231 -27.26 -19.40 3.09
C VAL C 231 -26.17 -19.54 2.03
N GLY C 232 -26.49 -19.15 0.80
CA GLY C 232 -25.56 -19.24 -0.31
C GLY C 232 -25.59 -20.62 -0.95
N LEU C 233 -26.77 -21.23 -0.98
CA LEU C 233 -26.97 -22.56 -1.54
C LEU C 233 -27.47 -22.54 -2.98
N GLU C 234 -27.64 -21.35 -3.53
CA GLU C 234 -28.01 -21.20 -4.93
C GLU C 234 -26.76 -21.19 -5.81
N LYS C 235 -26.57 -22.25 -6.59
CA LYS C 235 -25.41 -22.36 -7.47
C LYS C 235 -25.40 -21.25 -8.51
N LEU C 236 -24.20 -20.72 -8.79
CA LEU C 236 -24.05 -19.62 -9.74
C LEU C 236 -23.95 -20.12 -11.17
N ARG C 240 -20.78 -23.50 -10.30
CA ARG C 240 -20.03 -23.21 -9.10
C ARG C 240 -20.88 -22.49 -8.06
N PHE C 241 -20.70 -22.85 -6.79
CA PHE C 241 -21.31 -22.11 -5.71
C PHE C 241 -20.43 -20.90 -5.37
N PRO C 242 -21.03 -19.83 -4.80
CA PRO C 242 -20.23 -18.68 -4.36
C PRO C 242 -19.05 -19.13 -3.51
N SER C 243 -19.34 -20.05 -2.60
CA SER C 243 -18.33 -20.78 -1.86
C SER C 243 -18.85 -22.21 -1.70
N ASN C 244 -17.95 -23.19 -1.59
CA ASN C 244 -18.35 -24.55 -1.25
C ASN C 244 -18.51 -24.71 0.27
N HIS C 245 -18.67 -23.55 0.91
CA HIS C 245 -18.85 -23.42 2.35
C HIS C 245 -20.18 -22.69 2.58
N TRP C 246 -21.07 -23.31 3.34
CA TRP C 246 -22.38 -22.74 3.61
C TRP C 246 -22.31 -21.72 4.72
N GLY C 247 -22.84 -20.54 4.45
CA GLY C 247 -22.96 -19.50 5.45
C GLY C 247 -24.00 -19.91 6.47
N LEU C 248 -24.02 -19.20 7.60
CA LEU C 248 -24.99 -19.48 8.65
C LEU C 248 -25.74 -18.22 9.04
N LEU C 249 -26.97 -18.09 8.55
CA LEU C 249 -27.85 -17.00 8.94
C LEU C 249 -28.49 -17.31 10.29
N CYS C 250 -28.32 -16.40 11.24
CA CYS C 250 -28.88 -16.56 12.58
C CYS C 250 -29.59 -15.30 13.03
N THR C 251 -30.77 -15.47 13.61
CA THR C 251 -31.54 -14.36 14.17
C THR C 251 -31.77 -14.59 15.67
N LEU C 252 -31.65 -13.52 16.45
CA LEU C 252 -31.78 -13.62 17.89
C LEU C 252 -32.64 -12.46 18.44
N ASN C 253 -33.25 -12.70 19.60
CA ASN C 253 -34.02 -11.66 20.29
C ASN C 253 -33.26 -11.13 21.49
N VAL C 254 -33.53 -9.88 21.85
CA VAL C 254 -32.93 -9.24 23.01
C VAL C 254 -34.00 -8.56 23.86
N VAL C 255 -34.00 -8.87 25.16
CA VAL C 255 -35.01 -8.36 26.08
C VAL C 255 -34.41 -7.36 27.05
N LYS D 2 -2.92 -0.17 10.85
CA LYS D 2 -3.32 -0.18 12.26
C LYS D 2 -2.98 -1.53 12.93
N GLY D 3 -2.14 -2.33 12.29
CA GLY D 3 -1.86 -3.68 12.75
C GLY D 3 -0.48 -3.89 13.34
N LEU D 4 -0.30 -5.01 14.03
CA LEU D 4 0.99 -5.41 14.57
C LEU D 4 1.94 -5.72 13.41
N GLU D 5 3.11 -5.09 13.42
CA GLU D 5 4.07 -5.24 12.34
C GLU D 5 4.60 -6.68 12.22
N ASP D 6 5.34 -6.93 11.16
CA ASP D 6 5.81 -8.28 10.84
C ASP D 6 6.93 -8.76 11.76
N SER D 7 7.59 -7.83 12.44
CA SER D 7 8.75 -8.11 13.28
C SER D 7 9.89 -8.73 12.48
N SER D 8 9.82 -8.59 11.16
CA SER D 8 10.86 -9.07 10.26
C SER D 8 11.13 -10.56 10.42
N THR D 9 10.15 -11.38 10.07
CA THR D 9 10.30 -12.83 10.05
C THR D 9 10.01 -13.35 8.64
N ILE D 10 10.59 -14.50 8.30
CA ILE D 10 10.37 -15.09 6.99
C ILE D 10 9.90 -16.54 7.13
N SER D 11 9.36 -17.07 6.04
CA SER D 11 8.84 -18.44 6.03
C SER D 11 8.92 -19.04 4.64
N PHE D 12 9.19 -20.34 4.57
CA PHE D 12 9.22 -21.04 3.29
C PHE D 12 8.77 -22.49 3.41
N ILE D 13 8.56 -23.13 2.27
CA ILE D 13 8.14 -24.52 2.22
C ILE D 13 8.93 -25.31 1.18
N THR D 14 9.69 -26.29 1.63
CA THR D 14 10.33 -27.24 0.73
C THR D 14 9.42 -28.47 0.62
N TRP D 15 9.25 -28.99 -0.58
CA TRP D 15 8.30 -30.07 -0.80
C TRP D 15 8.51 -30.78 -2.12
N ASN D 16 8.86 -32.07 -2.04
CA ASN D 16 8.90 -32.94 -3.21
C ASN D 16 7.47 -33.28 -3.62
N ILE D 17 6.94 -32.56 -4.59
CA ILE D 17 5.54 -32.70 -4.99
C ILE D 17 5.27 -33.95 -5.83
N ASP D 18 6.32 -34.71 -6.11
CA ASP D 18 6.17 -36.01 -6.77
C ASP D 18 5.51 -35.90 -8.14
N GLY D 19 6.21 -35.29 -9.09
CA GLY D 19 5.70 -35.15 -10.44
C GLY D 19 5.85 -36.43 -11.25
N LEU D 20 6.69 -37.34 -10.75
CA LEU D 20 6.94 -38.61 -11.43
C LEU D 20 5.74 -39.54 -11.35
N ASP D 21 4.77 -39.18 -10.52
CA ASP D 21 3.52 -39.94 -10.40
C ASP D 21 2.42 -39.26 -11.23
N GLY D 22 2.20 -39.77 -12.44
CA GLY D 22 1.26 -39.16 -13.36
C GLY D 22 -0.20 -39.37 -12.98
N CYS D 23 -0.43 -40.21 -11.97
CA CYS D 23 -1.79 -40.51 -11.53
C CYS D 23 -2.36 -39.42 -10.64
N ASN D 24 -3.55 -38.93 -11.00
CA ASN D 24 -4.26 -37.92 -10.21
C ASN D 24 -3.44 -36.64 -10.04
N LEU D 25 -2.61 -36.33 -11.02
CA LEU D 25 -1.68 -35.20 -10.89
C LEU D 25 -2.37 -33.85 -10.80
N PRO D 26 -3.30 -33.55 -11.72
CA PRO D 26 -3.91 -32.21 -11.67
C PRO D 26 -4.69 -31.95 -10.38
N GLU D 27 -5.30 -32.99 -9.83
CA GLU D 27 -6.00 -32.87 -8.56
C GLU D 27 -5.00 -32.66 -7.43
N ARG D 28 -3.87 -33.35 -7.51
CA ARG D 28 -2.82 -33.23 -6.51
C ARG D 28 -2.15 -31.87 -6.60
N ALA D 29 -2.11 -31.30 -7.80
CA ALA D 29 -1.55 -29.97 -8.00
C ALA D 29 -2.40 -28.95 -7.25
N ARG D 30 -3.71 -29.11 -7.32
CA ARG D 30 -4.63 -28.26 -6.56
C ARG D 30 -4.41 -28.44 -5.06
N GLY D 31 -4.11 -29.67 -4.66
CA GLY D 31 -3.85 -29.97 -3.26
C GLY D 31 -2.65 -29.20 -2.74
N VAL D 32 -1.57 -29.21 -3.51
CA VAL D 32 -0.36 -28.48 -3.14
C VAL D 32 -0.62 -26.98 -3.13
N CYS D 33 -1.22 -26.47 -4.21
CA CYS D 33 -1.50 -25.04 -4.32
C CYS D 33 -2.40 -24.57 -3.19
N SER D 34 -3.36 -25.40 -2.80
CA SER D 34 -4.24 -25.09 -1.69
C SER D 34 -3.45 -25.03 -0.39
N CYS D 35 -2.44 -25.89 -0.29
CA CYS D 35 -1.59 -25.95 0.90
C CYS D 35 -0.70 -24.72 0.98
N LEU D 36 -0.12 -24.34 -0.15
CA LEU D 36 0.76 -23.16 -0.21
C LEU D 36 -0.03 -21.89 0.10
N ALA D 37 -1.24 -21.81 -0.44
CA ALA D 37 -2.09 -20.64 -0.22
C ALA D 37 -2.54 -20.54 1.23
N LEU D 38 -2.57 -21.68 1.91
CA LEU D 38 -3.03 -21.74 3.30
C LEU D 38 -2.02 -21.09 4.24
N TYR D 39 -0.73 -21.34 3.99
CA TYR D 39 0.34 -20.80 4.81
C TYR D 39 0.91 -19.51 4.24
N SER D 40 0.86 -19.39 2.92
CA SER D 40 1.37 -18.22 2.21
C SER D 40 2.82 -17.93 2.56
N PRO D 41 3.72 -18.87 2.24
CA PRO D 41 5.15 -18.69 2.49
C PRO D 41 5.80 -17.67 1.56
N ASP D 42 6.93 -17.11 1.99
CA ASP D 42 7.66 -16.14 1.17
C ASP D 42 8.39 -16.84 0.03
N VAL D 43 8.79 -18.08 0.29
CA VAL D 43 9.51 -18.89 -0.70
C VAL D 43 8.98 -20.31 -0.68
N VAL D 44 9.02 -20.97 -1.83
CA VAL D 44 8.64 -22.38 -1.91
C VAL D 44 9.62 -23.16 -2.77
N PHE D 45 10.34 -24.09 -2.14
CA PHE D 45 11.25 -24.98 -2.85
C PHE D 45 10.49 -26.23 -3.28
N LEU D 46 10.64 -26.59 -4.55
CA LEU D 46 9.94 -27.74 -5.11
C LEU D 46 10.90 -28.69 -5.80
N GLN D 47 10.60 -29.99 -5.73
CA GLN D 47 11.38 -31.02 -6.41
C GLN D 47 10.45 -31.92 -7.22
N GLU D 48 11.02 -32.59 -8.21
CA GLU D 48 10.25 -33.45 -9.11
C GLU D 48 9.09 -32.70 -9.74
N VAL D 49 9.37 -31.53 -10.30
CA VAL D 49 8.39 -30.75 -11.02
C VAL D 49 8.52 -31.01 -12.52
N ILE D 50 7.39 -31.18 -13.20
CA ILE D 50 7.37 -31.43 -14.63
C ILE D 50 6.66 -30.27 -15.35
N PRO D 51 6.89 -30.12 -16.67
CA PRO D 51 6.35 -29.00 -17.45
C PRO D 51 4.85 -28.74 -17.26
N PRO D 52 4.00 -29.78 -17.35
CA PRO D 52 2.57 -29.50 -17.16
C PRO D 52 2.25 -29.08 -15.73
N TYR D 53 3.05 -29.56 -14.78
CA TYR D 53 2.87 -29.19 -13.38
C TYR D 53 3.29 -27.74 -13.17
N CYS D 54 4.39 -27.36 -13.82
CA CYS D 54 4.91 -26.00 -13.72
C CYS D 54 3.98 -24.99 -14.37
N ALA D 55 3.38 -25.39 -15.48
CA ALA D 55 2.45 -24.52 -16.20
C ALA D 55 1.20 -24.28 -15.36
N TYR D 56 0.91 -25.20 -14.46
CA TYR D 56 -0.26 -25.08 -13.59
C TYR D 56 0.05 -24.18 -12.39
N LEU D 57 1.28 -24.24 -11.91
CA LEU D 57 1.71 -23.39 -10.81
C LEU D 57 1.75 -21.94 -11.26
N LYS D 58 2.09 -21.72 -12.52
CA LYS D 58 2.07 -20.38 -13.12
C LYS D 58 0.63 -19.89 -13.26
N LYS D 59 -0.32 -20.83 -13.33
CA LYS D 59 -1.72 -20.50 -13.51
C LYS D 59 -2.41 -20.22 -12.18
N ARG D 60 -2.37 -21.20 -11.27
CA ARG D 60 -3.09 -21.10 -10.01
C ARG D 60 -2.34 -20.23 -9.01
N ALA D 61 -1.15 -20.67 -8.61
CA ALA D 61 -0.33 -19.90 -7.69
C ALA D 61 0.25 -18.67 -8.39
N ALA D 62 -0.62 -17.76 -8.80
CA ALA D 62 -0.22 -16.59 -9.57
C ALA D 62 0.55 -15.58 -8.71
N SER D 63 0.52 -15.76 -7.40
CA SER D 63 1.21 -14.85 -6.49
C SER D 63 2.66 -15.29 -6.26
N TYR D 64 3.18 -16.11 -7.16
CA TYR D 64 4.54 -16.62 -7.05
C TYR D 64 5.29 -16.58 -8.38
N THR D 65 6.49 -16.01 -8.34
CA THR D 65 7.37 -16.01 -9.50
C THR D 65 8.19 -17.29 -9.52
N ILE D 66 7.97 -18.12 -10.55
CA ILE D 66 8.61 -19.42 -10.62
C ILE D 66 9.95 -19.39 -11.35
N ILE D 67 10.97 -19.96 -10.71
CA ILE D 67 12.28 -20.13 -11.31
C ILE D 67 12.57 -21.63 -11.42
N THR D 68 12.70 -22.12 -12.66
CA THR D 68 12.89 -23.56 -12.90
C THR D 68 14.36 -23.93 -12.99
N GLY D 69 14.65 -25.20 -12.67
CA GLY D 69 15.99 -25.73 -12.78
C GLY D 69 16.23 -26.35 -14.16
N ASN D 70 15.14 -26.60 -14.88
CA ASN D 70 15.23 -27.14 -16.23
C ASN D 70 13.90 -26.96 -16.96
N GLU D 71 13.90 -27.15 -18.27
CA GLU D 71 12.72 -26.92 -19.10
C GLU D 71 12.03 -28.24 -19.48
N GLU D 72 12.78 -29.34 -19.46
CA GLU D 72 12.25 -30.64 -19.85
C GLU D 72 12.56 -31.71 -18.81
N GLY D 73 11.96 -32.88 -18.96
CA GLY D 73 12.12 -33.96 -18.00
C GLY D 73 11.41 -33.61 -16.70
N TYR D 74 12.10 -33.82 -15.59
CA TYR D 74 11.61 -33.39 -14.28
C TYR D 74 12.72 -32.65 -13.55
N PHE D 75 12.33 -31.60 -12.84
CA PHE D 75 13.31 -30.64 -12.32
C PHE D 75 12.82 -29.95 -11.04
N THR D 76 13.74 -29.28 -10.36
CA THR D 76 13.42 -28.52 -9.16
C THR D 76 12.92 -27.13 -9.51
N ALA D 77 12.45 -26.39 -8.52
CA ALA D 77 11.94 -25.05 -8.73
C ALA D 77 11.91 -24.23 -7.44
N ILE D 78 12.01 -22.91 -7.59
CA ILE D 78 11.94 -21.99 -6.47
C ILE D 78 10.91 -20.89 -6.76
N LEU D 79 9.87 -20.85 -5.96
CA LEU D 79 8.82 -19.83 -6.11
C LEU D 79 9.13 -18.63 -5.21
N LEU D 80 8.94 -17.43 -5.77
CA LEU D 80 9.23 -16.20 -5.05
C LEU D 80 7.96 -15.36 -4.88
N LYS D 81 7.57 -15.14 -3.63
CA LYS D 81 6.39 -14.34 -3.32
C LYS D 81 6.57 -12.91 -3.80
N LYS D 82 5.74 -12.49 -4.74
CA LYS D 82 5.82 -11.14 -5.30
C LYS D 82 5.38 -10.09 -4.28
N GLY D 83 6.02 -8.93 -4.33
CA GLY D 83 5.76 -7.87 -3.37
C GLY D 83 6.32 -8.20 -2.00
N ARG D 84 7.34 -9.06 -1.99
CA ARG D 84 7.95 -9.52 -0.75
C ARG D 84 9.39 -9.96 -0.99
N VAL D 85 9.57 -10.78 -2.02
CA VAL D 85 10.90 -11.26 -2.41
C VAL D 85 11.22 -10.79 -3.83
N LYS D 86 12.28 -10.00 -3.97
CA LYS D 86 12.68 -9.44 -5.25
C LYS D 86 13.77 -10.28 -5.89
N PHE D 87 13.53 -10.72 -7.12
CA PHE D 87 14.51 -11.52 -7.85
C PHE D 87 15.68 -10.65 -8.32
N LYS D 88 16.89 -11.22 -8.25
CA LYS D 88 18.09 -10.53 -8.71
C LYS D 88 18.79 -11.34 -9.80
N SER D 89 19.23 -12.54 -9.45
CA SER D 89 19.94 -13.41 -10.40
C SER D 89 19.69 -14.88 -10.08
N GLN D 90 20.22 -15.75 -10.92
CA GLN D 90 20.12 -17.19 -10.71
C GLN D 90 21.38 -17.89 -11.24
N GLU D 91 21.56 -19.14 -10.84
CA GLU D 91 22.74 -19.90 -11.22
C GLU D 91 22.53 -21.38 -10.99
N ILE D 92 22.72 -22.17 -12.05
CA ILE D 92 22.54 -23.62 -11.97
C ILE D 92 23.90 -24.33 -12.01
N ILE D 93 24.31 -24.86 -10.85
CA ILE D 93 25.54 -25.64 -10.75
C ILE D 93 25.23 -27.09 -11.10
N PRO D 94 25.78 -27.59 -12.23
CA PRO D 94 25.44 -28.96 -12.64
C PRO D 94 26.12 -30.04 -11.80
N PHE D 95 25.55 -31.24 -11.84
CA PHE D 95 26.18 -32.42 -11.24
C PHE D 95 26.68 -33.32 -12.38
N PRO D 96 27.98 -33.21 -12.73
CA PRO D 96 28.51 -33.93 -13.90
C PRO D 96 28.20 -35.42 -13.94
N ASN D 97 28.32 -36.09 -12.80
CA ASN D 97 28.14 -37.54 -12.73
C ASN D 97 26.72 -37.96 -12.37
N THR D 98 25.74 -37.10 -12.65
CA THR D 98 24.35 -37.43 -12.39
C THR D 98 23.82 -38.35 -13.48
N LYS D 99 22.93 -39.26 -13.10
CA LYS D 99 22.28 -40.17 -14.03
C LYS D 99 20.78 -39.90 -14.06
N MET D 100 20.36 -38.83 -13.39
CA MET D 100 18.94 -38.53 -13.22
C MET D 100 18.64 -37.05 -13.44
N MET D 101 19.50 -36.38 -14.21
CA MET D 101 19.30 -34.98 -14.58
C MET D 101 19.15 -34.07 -13.36
N ARG D 102 19.83 -34.43 -12.27
CA ARG D 102 19.77 -33.65 -11.04
C ARG D 102 20.81 -32.53 -11.06
N ASN D 103 20.48 -31.40 -10.44
CA ASN D 103 21.39 -30.26 -10.39
C ASN D 103 21.09 -29.34 -9.21
N LEU D 104 21.98 -28.37 -8.99
CA LEU D 104 21.86 -27.43 -7.88
C LEU D 104 21.40 -26.06 -8.36
N LEU D 105 20.16 -25.71 -8.02
CA LEU D 105 19.57 -24.44 -8.43
C LEU D 105 19.78 -23.36 -7.38
N CYS D 106 20.58 -22.35 -7.73
CA CYS D 106 20.83 -21.22 -6.83
C CYS D 106 20.13 -19.97 -7.34
N VAL D 107 19.53 -19.21 -6.42
CA VAL D 107 18.81 -18.00 -6.76
C VAL D 107 19.06 -16.91 -5.72
N ASN D 108 19.84 -15.90 -6.10
CA ASN D 108 20.09 -14.76 -5.23
C ASN D 108 18.92 -13.78 -5.28
N VAL D 109 18.46 -13.34 -4.11
CA VAL D 109 17.31 -12.45 -4.02
C VAL D 109 17.47 -11.43 -2.89
N SER D 110 16.52 -10.50 -2.83
CA SER D 110 16.43 -9.54 -1.73
C SER D 110 15.15 -9.78 -0.94
N LEU D 111 15.24 -9.61 0.38
CA LEU D 111 14.10 -9.84 1.25
C LEU D 111 14.26 -9.09 2.57
N GLY D 112 13.41 -8.11 2.80
CA GLY D 112 13.50 -7.29 4.00
C GLY D 112 14.72 -6.38 3.95
N GLY D 113 15.16 -6.06 2.73
CA GLY D 113 16.32 -5.22 2.55
C GLY D 113 17.63 -5.99 2.64
N ASN D 114 17.54 -7.26 3.00
CA ASN D 114 18.72 -8.11 3.16
C ASN D 114 18.90 -9.04 1.97
N GLU D 115 20.16 -9.38 1.68
CA GLU D 115 20.48 -10.28 0.59
C GLU D 115 20.32 -11.74 1.01
N PHE D 116 19.78 -12.55 0.11
CA PHE D 116 19.60 -13.99 0.36
C PHE D 116 20.07 -14.81 -0.84
N CYS D 117 20.54 -16.01 -0.56
CA CYS D 117 20.95 -16.95 -1.61
C CYS D 117 20.16 -18.25 -1.47
N LEU D 118 18.99 -18.29 -2.08
CA LEU D 118 18.10 -19.44 -1.97
C LEU D 118 18.55 -20.58 -2.87
N MET D 119 18.78 -21.74 -2.27
CA MET D 119 19.27 -22.92 -2.99
C MET D 119 18.32 -24.10 -2.83
N THR D 120 18.27 -24.95 -3.84
CA THR D 120 17.52 -26.21 -3.77
C THR D 120 18.13 -27.24 -4.69
N SER D 121 17.88 -28.51 -4.39
CA SER D 121 18.38 -29.61 -5.21
C SER D 121 17.67 -30.91 -4.89
N HIS D 122 17.63 -31.79 -5.88
CA HIS D 122 17.05 -33.12 -5.72
C HIS D 122 18.15 -34.16 -5.90
N LEU D 123 18.89 -34.42 -4.82
CA LEU D 123 20.07 -35.28 -4.89
C LEU D 123 19.73 -36.69 -5.38
N GLU D 124 20.76 -37.43 -5.77
CA GLU D 124 20.60 -38.75 -6.36
C GLU D 124 19.81 -39.68 -5.44
N SER D 125 18.87 -40.42 -6.05
CA SER D 125 17.96 -41.28 -5.30
C SER D 125 18.53 -42.68 -5.13
N THR D 126 17.76 -43.55 -4.46
CA THR D 126 18.12 -44.94 -4.25
C THR D 126 19.32 -45.10 -3.31
N ARG D 127 19.54 -46.33 -2.86
CA ARG D 127 20.60 -46.63 -1.90
C ARG D 127 21.93 -46.87 -2.59
N GLU D 128 21.87 -47.32 -3.84
CA GLU D 128 23.08 -47.67 -4.58
C GLU D 128 23.92 -46.45 -4.94
N HIS D 129 23.25 -45.34 -5.25
CA HIS D 129 23.94 -44.11 -5.62
C HIS D 129 24.27 -43.27 -4.39
N SER D 130 24.65 -43.93 -3.31
CA SER D 130 25.03 -43.24 -2.08
C SER D 130 26.31 -42.42 -2.29
N ALA D 131 27.23 -42.97 -3.07
CA ALA D 131 28.50 -42.31 -3.35
C ALA D 131 28.26 -41.00 -4.10
N GLU D 132 27.40 -41.05 -5.10
CA GLU D 132 27.09 -39.86 -5.90
C GLU D 132 26.33 -38.84 -5.06
N ARG D 133 25.36 -39.32 -4.29
CA ARG D 133 24.56 -38.45 -3.44
C ARG D 133 25.45 -37.70 -2.44
N ILE D 134 26.44 -38.39 -1.90
CA ILE D 134 27.40 -37.79 -0.98
C ILE D 134 28.26 -36.76 -1.70
N ARG D 135 28.63 -37.08 -2.94
CA ARG D 135 29.45 -36.18 -3.73
C ARG D 135 28.67 -34.90 -4.06
N GLN D 136 27.42 -35.07 -4.45
CA GLN D 136 26.55 -33.93 -4.75
C GLN D 136 26.33 -33.08 -3.51
N LEU D 137 26.18 -33.74 -2.36
CA LEU D 137 26.01 -33.05 -1.09
C LEU D 137 27.18 -32.12 -0.81
N LYS D 138 28.39 -32.62 -1.05
CA LYS D 138 29.60 -31.81 -0.84
C LYS D 138 29.64 -30.64 -1.81
N THR D 139 29.05 -30.82 -2.99
CA THR D 139 28.98 -29.75 -3.97
C THR D 139 28.03 -28.66 -3.48
N VAL D 140 26.94 -29.07 -2.85
CA VAL D 140 25.98 -28.13 -2.27
C VAL D 140 26.61 -27.37 -1.12
N LEU D 141 27.22 -28.09 -0.19
CA LEU D 141 27.84 -27.47 0.97
C LEU D 141 28.95 -26.51 0.55
N GLY D 142 29.74 -26.92 -0.42
CA GLY D 142 30.83 -26.08 -0.92
C GLY D 142 30.31 -24.80 -1.54
N LYS D 143 29.16 -24.89 -2.21
CA LYS D 143 28.57 -23.73 -2.87
C LYS D 143 28.03 -22.74 -1.85
N MET D 144 27.59 -23.24 -0.70
CA MET D 144 27.08 -22.40 0.37
C MET D 144 28.20 -21.56 0.99
N GLN D 145 29.43 -22.05 0.85
CA GLN D 145 30.59 -21.36 1.44
C GLN D 145 31.04 -20.17 0.59
N GLU D 146 30.57 -20.12 -0.65
CA GLU D 146 31.02 -19.08 -1.59
C GLU D 146 30.38 -17.72 -1.28
N ALA D 147 29.09 -17.71 -1.00
CA ALA D 147 28.36 -16.47 -0.76
C ALA D 147 28.95 -15.71 0.43
N PRO D 148 28.99 -14.37 0.35
CA PRO D 148 29.59 -13.58 1.42
C PRO D 148 28.78 -13.64 2.72
N ASP D 149 29.38 -13.19 3.82
CA ASP D 149 28.74 -13.24 5.12
C ASP D 149 27.47 -12.39 5.15
N SER D 150 27.46 -11.31 4.38
CA SER D 150 26.29 -10.43 4.30
C SER D 150 25.10 -11.17 3.71
N THR D 151 25.38 -12.08 2.78
CA THR D 151 24.33 -12.86 2.13
C THR D 151 23.94 -14.06 2.97
N THR D 152 22.66 -14.16 3.31
CA THR D 152 22.14 -15.28 4.07
C THR D 152 21.79 -16.44 3.12
N VAL D 153 22.49 -17.56 3.28
CA VAL D 153 22.29 -18.73 2.43
C VAL D 153 21.32 -19.72 3.08
N ILE D 154 20.31 -20.13 2.32
CA ILE D 154 19.35 -21.13 2.78
C ILE D 154 19.16 -22.21 1.72
N PHE D 155 19.56 -23.44 2.04
CA PHE D 155 19.31 -24.58 1.18
C PHE D 155 18.13 -25.38 1.69
N ALA D 156 17.35 -25.96 0.77
CA ALA D 156 16.20 -26.77 1.15
C ALA D 156 15.72 -27.62 -0.02
N GLY D 157 15.58 -28.92 0.20
CA GLY D 157 15.14 -29.82 -0.83
C GLY D 157 15.27 -31.29 -0.45
N ASP D 158 14.94 -32.17 -1.39
CA ASP D 158 15.06 -33.61 -1.18
C ASP D 158 16.52 -34.03 -1.29
N THR D 159 17.11 -34.40 -0.16
CA THR D 159 18.52 -34.76 -0.10
C THR D 159 18.72 -36.27 -0.27
N ASN D 160 17.65 -37.04 -0.06
CA ASN D 160 17.69 -38.49 -0.17
C ASN D 160 18.74 -39.14 0.75
N LEU D 161 19.17 -38.39 1.76
CA LEU D 161 20.17 -38.89 2.71
C LEU D 161 19.55 -39.87 3.68
N ARG D 162 20.29 -40.92 4.03
CA ARG D 162 19.78 -41.98 4.87
C ARG D 162 20.90 -42.76 5.56
N ASP D 163 20.54 -43.52 6.58
CA ASP D 163 21.47 -44.40 7.29
C ASP D 163 22.74 -43.67 7.73
N GLN D 164 22.57 -42.45 8.23
CA GLN D 164 23.69 -41.65 8.72
C GLN D 164 24.74 -41.42 7.64
N GLU D 165 24.29 -41.07 6.44
CA GLU D 165 25.19 -40.75 5.34
C GLU D 165 25.86 -39.39 5.57
N VAL D 166 25.36 -38.64 6.54
CA VAL D 166 25.92 -37.34 6.87
C VAL D 166 27.14 -37.51 7.77
N ILE D 167 27.06 -38.44 8.72
CA ILE D 167 28.18 -38.76 9.58
C ILE D 167 29.33 -39.25 8.70
N LYS D 168 28.99 -40.13 7.76
CA LYS D 168 29.92 -40.52 6.72
C LYS D 168 30.21 -39.29 5.85
N CYS D 169 31.36 -39.28 5.19
CA CYS D 169 31.80 -38.17 4.35
C CYS D 169 32.22 -36.94 5.18
N GLY D 170 32.11 -37.05 6.51
CA GLY D 170 32.59 -36.02 7.41
C GLY D 170 31.51 -35.47 8.33
N GLY D 171 30.52 -34.81 7.73
CA GLY D 171 29.49 -34.12 8.48
C GLY D 171 29.41 -32.67 8.05
N LEU D 172 28.33 -32.00 8.44
CA LEU D 172 28.15 -30.60 8.07
C LEU D 172 29.24 -29.74 8.70
N PRO D 173 29.70 -28.70 7.98
CA PRO D 173 30.76 -27.85 8.53
C PRO D 173 30.28 -27.03 9.74
N ASP D 174 31.18 -26.22 10.29
CA ASP D 174 30.89 -25.50 11.53
C ASP D 174 29.87 -24.38 11.33
N ASN D 175 29.89 -23.75 10.16
CA ASN D 175 29.04 -22.58 9.90
C ASN D 175 27.71 -22.93 9.24
N VAL D 176 27.53 -24.19 8.87
CA VAL D 176 26.28 -24.67 8.27
C VAL D 176 25.51 -25.52 9.26
N PHE D 177 24.25 -25.17 9.50
CA PHE D 177 23.41 -25.87 10.46
C PHE D 177 22.18 -26.48 9.79
N ASP D 178 21.69 -27.57 10.37
CA ASP D 178 20.44 -28.19 9.93
C ASP D 178 19.30 -27.64 10.77
N ALA D 179 18.33 -27.01 10.10
CA ALA D 179 17.21 -26.35 10.77
C ALA D 179 16.48 -27.31 11.71
N TRP D 180 16.36 -28.57 11.29
CA TRP D 180 15.69 -29.57 12.10
C TRP D 180 16.50 -29.87 13.37
N GLU D 181 17.82 -29.95 13.22
CA GLU D 181 18.70 -30.20 14.36
C GLU D 181 18.74 -28.98 15.28
N PHE D 182 18.86 -27.79 14.68
CA PHE D 182 18.90 -26.55 15.44
C PHE D 182 17.67 -26.40 16.32
N LEU D 183 16.53 -26.89 15.82
CA LEU D 183 15.27 -26.78 16.54
C LEU D 183 15.08 -27.90 17.55
N GLY D 184 16.15 -28.64 17.84
CA GLY D 184 16.12 -29.66 18.86
C GLY D 184 15.61 -31.01 18.37
N LYS D 185 15.64 -31.21 17.06
CA LYS D 185 15.23 -32.48 16.45
C LYS D 185 13.80 -32.86 16.84
N PRO D 186 12.82 -32.04 16.43
CA PRO D 186 11.42 -32.33 16.72
C PRO D 186 10.92 -33.63 16.09
N LYS D 187 10.41 -34.51 16.94
CA LYS D 187 9.84 -35.79 16.55
C LYS D 187 8.61 -35.71 15.64
N HIS D 188 7.85 -34.62 15.74
CA HIS D 188 6.59 -34.51 15.01
C HIS D 188 6.80 -34.24 13.52
N CYS D 189 7.99 -33.76 13.16
CA CYS D 189 8.31 -33.47 11.76
C CYS D 189 9.69 -34.02 11.40
N GLN D 190 10.05 -35.14 12.00
CA GLN D 190 11.33 -35.79 11.72
C GLN D 190 11.28 -36.46 10.35
N TYR D 191 10.27 -37.29 10.13
CA TYR D 191 10.16 -38.07 8.91
C TYR D 191 9.21 -37.40 7.90
N THR D 192 9.78 -37.03 6.75
CA THR D 192 9.00 -36.45 5.67
C THR D 192 8.56 -37.52 4.68
N TRP D 193 9.34 -38.61 4.63
CA TRP D 193 9.03 -39.75 3.79
CA TRP D 193 9.03 -39.75 3.79
C TRP D 193 8.60 -40.92 4.66
N ASP D 194 7.32 -41.27 4.60
CA ASP D 194 6.77 -42.35 5.41
C ASP D 194 5.87 -43.25 4.58
N THR D 195 6.02 -44.56 4.77
CA THR D 195 5.20 -45.54 4.08
C THR D 195 4.00 -45.95 4.93
N LYS D 196 4.09 -45.68 6.23
CA LYS D 196 3.01 -46.01 7.16
C LYS D 196 1.93 -44.92 7.15
N ALA D 197 2.36 -43.67 7.13
CA ALA D 197 1.43 -42.54 7.13
C ALA D 197 0.89 -42.28 5.73
N ASN D 198 1.80 -42.07 4.78
CA ASN D 198 1.41 -41.80 3.39
C ASN D 198 1.03 -43.08 2.65
N LYS D 208 10.64 -45.21 7.05
CA LYS D 208 10.69 -43.83 7.54
C LYS D 208 12.09 -43.25 7.38
N HIS D 209 12.16 -42.15 6.62
CA HIS D 209 13.43 -41.46 6.39
C HIS D 209 13.26 -39.95 6.47
N ARG D 210 14.37 -39.23 6.62
CA ARG D 210 14.38 -37.78 6.61
C ARG D 210 15.11 -37.27 5.37
N PHE D 211 14.50 -37.49 4.21
CA PHE D 211 15.09 -37.09 2.94
C PHE D 211 15.11 -35.58 2.77
N ASP D 212 13.98 -34.94 3.08
CA ASP D 212 13.88 -33.50 2.95
C ASP D 212 14.54 -32.81 4.14
N ARG D 213 15.51 -31.95 3.85
CA ARG D 213 16.27 -31.28 4.89
C ARG D 213 16.54 -29.81 4.53
N ILE D 214 16.84 -29.02 5.55
CA ILE D 214 17.08 -27.58 5.39
C ILE D 214 18.43 -27.18 5.98
N PHE D 215 19.37 -26.84 5.11
CA PHE D 215 20.66 -26.31 5.53
C PHE D 215 20.68 -24.80 5.36
N PHE D 216 21.35 -24.10 6.28
CA PHE D 216 21.45 -22.65 6.17
C PHE D 216 22.79 -22.14 6.75
N ARG D 217 23.21 -20.98 6.27
CA ARG D 217 24.43 -20.34 6.74
C ARG D 217 24.20 -18.84 6.87
N ALA D 218 24.67 -18.27 7.98
CA ALA D 218 24.51 -16.85 8.23
C ALA D 218 25.44 -16.39 9.34
N GLU D 219 25.50 -15.08 9.57
CA GLU D 219 26.29 -14.52 10.65
C GLU D 219 25.72 -14.95 12.00
N GLU D 220 26.43 -14.61 13.07
CA GLU D 220 26.04 -15.07 14.40
C GLU D 220 24.67 -14.52 14.83
N GLY D 221 23.68 -15.41 14.85
CA GLY D 221 22.36 -15.07 15.34
C GLY D 221 21.57 -14.16 14.42
N HIS D 222 21.92 -14.16 13.13
CA HIS D 222 21.21 -13.35 12.15
C HIS D 222 20.11 -14.14 11.45
N LEU D 223 20.10 -15.45 11.65
CA LEU D 223 19.04 -16.31 11.13
C LEU D 223 18.71 -17.40 12.14
N ILE D 224 17.64 -17.18 12.90
CA ILE D 224 17.22 -18.11 13.94
C ILE D 224 15.92 -18.82 13.54
N PRO D 225 16.01 -20.12 13.21
CA PRO D 225 14.78 -20.87 12.94
C PRO D 225 13.83 -20.87 14.13
N GLN D 226 12.55 -20.59 13.88
CA GLN D 226 11.55 -20.51 14.95
C GLN D 226 10.76 -21.80 15.07
N SER D 227 10.31 -22.33 13.95
CA SER D 227 9.46 -23.51 13.94
C SER D 227 9.69 -24.36 12.70
N LEU D 228 9.23 -25.61 12.78
CA LEU D 228 9.26 -26.52 11.64
C LEU D 228 8.05 -27.44 11.74
N ASP D 229 7.30 -27.55 10.65
CA ASP D 229 6.05 -28.31 10.65
C ASP D 229 5.88 -29.09 9.36
N LEU D 230 5.17 -30.21 9.45
CA LEU D 230 4.81 -30.99 8.27
C LEU D 230 3.56 -30.40 7.63
N VAL D 231 3.50 -30.46 6.30
CA VAL D 231 2.35 -29.93 5.57
C VAL D 231 1.97 -30.89 4.44
N GLY D 232 0.73 -30.77 3.96
CA GLY D 232 0.24 -31.63 2.91
C GLY D 232 -0.14 -33.01 3.43
N LEU D 233 -0.62 -33.04 4.67
CA LEU D 233 -1.00 -34.29 5.31
C LEU D 233 -2.50 -34.57 5.14
N GLU D 234 -3.21 -33.65 4.51
CA GLU D 234 -4.64 -33.82 4.25
C GLU D 234 -4.88 -34.65 3.00
N LYS D 235 -5.66 -35.72 3.15
CA LYS D 235 -6.02 -36.56 2.00
C LYS D 235 -6.96 -35.81 1.07
N LEU D 236 -6.72 -35.96 -0.23
CA LEU D 236 -7.52 -35.27 -1.23
C LEU D 236 -8.78 -36.06 -1.58
N ASP D 237 -9.57 -35.53 -2.49
CA ASP D 237 -10.86 -36.13 -2.86
C ASP D 237 -10.67 -37.50 -3.50
N CYS D 238 -9.55 -37.69 -4.19
CA CYS D 238 -9.28 -38.95 -4.89
C CYS D 238 -8.85 -40.05 -3.93
N GLY D 239 -8.67 -39.71 -2.66
CA GLY D 239 -8.28 -40.68 -1.65
C GLY D 239 -6.78 -40.86 -1.58
N ARG D 240 -6.04 -39.87 -2.06
CA ARG D 240 -4.59 -39.88 -2.01
C ARG D 240 -4.05 -38.53 -1.56
N PHE D 241 -2.78 -38.50 -1.16
CA PHE D 241 -2.15 -37.26 -0.72
C PHE D 241 -1.56 -36.52 -1.91
N PRO D 242 -1.30 -35.21 -1.75
CA PRO D 242 -0.69 -34.42 -2.83
C PRO D 242 0.68 -34.97 -3.27
N SER D 243 1.32 -35.74 -2.40
CA SER D 243 2.62 -36.33 -2.71
C SER D 243 2.99 -37.43 -1.74
N ASN D 244 3.94 -38.27 -2.14
CA ASN D 244 4.45 -39.33 -1.27
C ASN D 244 5.36 -38.76 -0.18
N HIS D 245 5.86 -37.55 -0.41
CA HIS D 245 6.66 -36.83 0.58
C HIS D 245 5.77 -35.86 1.37
N TRP D 246 6.13 -35.64 2.63
CA TRP D 246 5.52 -34.57 3.42
C TRP D 246 6.31 -33.29 3.19
N GLY D 247 5.61 -32.16 3.07
CA GLY D 247 6.26 -30.88 2.93
C GLY D 247 6.79 -30.40 4.26
N LEU D 248 7.75 -29.47 4.22
CA LEU D 248 8.31 -28.89 5.44
C LEU D 248 8.13 -27.38 5.46
N LEU D 249 7.29 -26.90 6.38
CA LEU D 249 7.10 -25.47 6.60
C LEU D 249 8.03 -24.97 7.69
N CYS D 250 8.95 -24.08 7.31
CA CYS D 250 9.92 -23.53 8.24
C CYS D 250 9.83 -22.01 8.33
N THR D 251 9.59 -21.50 9.54
CA THR D 251 9.60 -20.06 9.80
C THR D 251 10.87 -19.69 10.56
N LEU D 252 11.43 -18.52 10.25
CA LEU D 252 12.69 -18.10 10.85
C LEU D 252 12.69 -16.60 11.18
N ASN D 253 13.47 -16.23 12.19
CA ASN D 253 13.70 -14.83 12.52
C ASN D 253 14.96 -14.31 11.81
N VAL D 254 14.87 -13.10 11.28
CA VAL D 254 16.00 -12.45 10.64
C VAL D 254 16.29 -11.10 11.26
N VAL D 255 17.53 -10.89 11.68
CA VAL D 255 17.95 -9.65 12.32
C VAL D 255 19.23 -9.11 11.69
N SER E 8 -8.60 13.26 -30.35
CA SER E 8 -7.29 13.80 -30.68
C SER E 8 -6.30 12.68 -31.01
N THR E 9 -5.32 13.00 -31.86
CA THR E 9 -4.32 12.02 -32.28
C THR E 9 -2.91 12.56 -32.07
N ILE E 10 -1.97 11.66 -31.83
CA ILE E 10 -0.55 12.01 -31.74
C ILE E 10 0.25 11.12 -32.69
N SER E 11 1.21 11.72 -33.39
CA SER E 11 2.04 10.99 -34.34
C SER E 11 3.50 11.38 -34.16
N PHE E 12 4.38 10.40 -34.28
CA PHE E 12 5.82 10.66 -34.17
C PHE E 12 6.65 9.65 -34.97
N ILE E 13 7.94 9.97 -35.11
CA ILE E 13 8.89 9.09 -35.79
C ILE E 13 10.16 8.93 -34.97
N THR E 14 10.43 7.71 -34.54
CA THR E 14 11.73 7.37 -33.95
C THR E 14 12.63 6.83 -35.06
N TRP E 15 13.89 7.25 -35.07
CA TRP E 15 14.77 6.90 -36.18
C TRP E 15 16.25 7.09 -35.84
N ASN E 16 16.99 5.97 -35.86
CA ASN E 16 18.44 6.03 -35.78
C ASN E 16 18.99 6.43 -37.14
N ILE E 17 19.38 7.70 -37.28
CA ILE E 17 19.78 8.25 -38.57
C ILE E 17 21.24 7.96 -38.92
N ASP E 18 21.93 7.25 -38.03
CA ASP E 18 23.29 6.78 -38.31
C ASP E 18 24.26 7.91 -38.65
N GLY E 19 24.58 8.73 -37.67
CA GLY E 19 25.53 9.81 -37.86
C GLY E 19 26.96 9.32 -37.84
N LEU E 20 27.16 8.11 -37.33
CA LEU E 20 28.50 7.54 -37.20
C LEU E 20 29.10 7.15 -38.56
N ASP E 21 28.25 7.06 -39.57
CA ASP E 21 28.71 6.81 -40.94
C ASP E 21 28.85 8.13 -41.68
N GLY E 22 30.09 8.57 -41.87
CA GLY E 22 30.37 9.85 -42.48
C GLY E 22 30.10 9.88 -43.98
N CYS E 23 29.87 8.71 -44.55
CA CYS E 23 29.66 8.61 -45.99
C CYS E 23 28.32 9.18 -46.41
N ASN E 24 28.35 10.14 -47.33
CA ASN E 24 27.15 10.73 -47.91
C ASN E 24 26.23 11.35 -46.86
N LEU E 25 26.79 12.17 -45.98
CA LEU E 25 26.02 12.68 -44.86
C LEU E 25 24.96 13.70 -45.27
N PRO E 26 25.30 14.64 -46.17
CA PRO E 26 24.27 15.61 -46.54
C PRO E 26 23.13 15.01 -47.37
N GLU E 27 23.46 14.11 -48.29
CA GLU E 27 22.45 13.48 -49.13
C GLU E 27 21.51 12.63 -48.28
N ARG E 28 22.08 11.88 -47.35
CA ARG E 28 21.29 11.07 -46.44
C ARG E 28 20.45 11.95 -45.52
N ALA E 29 20.97 13.14 -45.23
CA ALA E 29 20.25 14.10 -44.39
C ALA E 29 19.05 14.67 -45.14
N ARG E 30 19.18 14.82 -46.45
CA ARG E 30 18.09 15.29 -47.28
C ARG E 30 16.94 14.29 -47.30
N GLY E 31 17.30 13.01 -47.35
CA GLY E 31 16.31 11.95 -47.38
C GLY E 31 15.49 11.88 -46.11
N VAL E 32 16.15 12.12 -44.98
CA VAL E 32 15.46 12.13 -43.68
C VAL E 32 14.52 13.33 -43.58
N CYS E 33 15.06 14.52 -43.85
CA CYS E 33 14.26 15.74 -43.80
C CYS E 33 13.12 15.69 -44.81
N SER E 34 13.35 15.04 -45.94
CA SER E 34 12.31 14.85 -46.93
C SER E 34 11.24 13.90 -46.41
N CYS E 35 11.68 12.91 -45.64
CA CYS E 35 10.77 11.94 -45.04
C CYS E 35 9.94 12.60 -43.94
N LEU E 36 10.58 13.44 -43.13
CA LEU E 36 9.90 14.13 -42.05
C LEU E 36 8.91 15.16 -42.60
N ALA E 37 9.25 15.74 -43.75
CA ALA E 37 8.40 16.74 -44.38
C ALA E 37 7.12 16.13 -44.93
N LEU E 38 7.22 14.90 -45.45
CA LEU E 38 6.09 14.21 -46.03
C LEU E 38 5.03 13.86 -44.99
N TYR E 39 5.47 13.15 -43.94
CA TYR E 39 4.55 12.69 -42.91
C TYR E 39 4.22 13.79 -41.90
N SER E 40 5.20 14.65 -41.66
CA SER E 40 5.03 15.79 -40.74
C SER E 40 4.54 15.35 -39.37
N PRO E 41 5.31 14.49 -38.69
CA PRO E 41 4.94 14.03 -37.35
C PRO E 41 4.97 15.16 -36.31
N ASP E 42 4.29 14.94 -35.19
CA ASP E 42 4.26 15.92 -34.12
C ASP E 42 5.59 15.93 -33.36
N VAL E 43 6.17 14.74 -33.21
CA VAL E 43 7.44 14.57 -32.51
C VAL E 43 8.37 13.69 -33.34
N VAL E 44 9.68 13.90 -33.21
CA VAL E 44 10.65 13.06 -33.90
C VAL E 44 11.81 12.72 -32.99
N PHE E 45 11.88 11.45 -32.57
CA PHE E 45 12.99 10.95 -31.79
C PHE E 45 14.14 10.57 -32.73
N LEU E 46 15.35 11.00 -32.40
CA LEU E 46 16.52 10.71 -33.22
C LEU E 46 17.67 10.17 -32.38
N GLN E 47 18.43 9.25 -32.96
CA GLN E 47 19.60 8.68 -32.30
C GLN E 47 20.80 8.73 -33.25
N GLU E 48 22.00 8.69 -32.67
CA GLU E 48 23.25 8.82 -33.42
C GLU E 48 23.26 10.11 -34.25
N VAL E 49 22.91 11.21 -33.61
CA VAL E 49 22.98 12.53 -34.23
C VAL E 49 24.33 13.16 -33.90
N ILE E 50 24.87 13.92 -34.85
CA ILE E 50 26.13 14.62 -34.66
C ILE E 50 25.94 16.12 -34.95
N PRO E 51 26.83 16.97 -34.42
CA PRO E 51 26.70 18.43 -34.58
C PRO E 51 26.47 18.89 -36.02
N PRO E 52 27.27 18.41 -36.99
CA PRO E 52 27.00 18.85 -38.36
C PRO E 52 25.66 18.35 -38.88
N TYR E 53 25.19 17.22 -38.35
CA TYR E 53 23.87 16.71 -38.71
C TYR E 53 22.80 17.58 -38.08
N CYS E 54 23.08 18.03 -36.86
CA CYS E 54 22.16 18.86 -36.11
C CYS E 54 21.96 20.21 -36.81
N ALA E 55 22.98 20.65 -37.54
CA ALA E 55 22.91 21.90 -38.27
C ALA E 55 22.05 21.77 -39.52
N TYR E 56 22.06 20.58 -40.12
CA TYR E 56 21.24 20.31 -41.29
C TYR E 56 19.76 20.36 -40.94
N LEU E 57 19.43 19.85 -39.76
CA LEU E 57 18.05 19.82 -39.30
C LEU E 57 17.51 21.23 -39.04
N LYS E 58 18.34 22.07 -38.42
CA LYS E 58 17.94 23.45 -38.13
C LYS E 58 17.67 24.23 -39.41
N LYS E 59 18.17 23.73 -40.54
CA LYS E 59 18.01 24.40 -41.83
C LYS E 59 16.80 23.89 -42.59
N ARG E 60 16.79 22.61 -42.92
CA ARG E 60 15.75 22.03 -43.78
C ARG E 60 14.55 21.50 -43.00
N ALA E 61 14.66 21.49 -41.67
CA ALA E 61 13.54 21.10 -40.81
C ALA E 61 13.30 22.20 -39.77
N ALA E 62 13.17 23.44 -40.25
CA ALA E 62 13.00 24.60 -39.39
C ALA E 62 11.69 24.53 -38.60
N SER E 63 10.75 23.73 -39.08
CA SER E 63 9.45 23.62 -38.44
C SER E 63 9.50 22.82 -37.14
N TYR E 64 10.69 22.35 -36.77
CA TYR E 64 10.88 21.55 -35.56
C TYR E 64 11.82 22.20 -34.56
N THR E 65 11.46 22.16 -33.29
CA THR E 65 12.32 22.63 -32.21
C THR E 65 13.18 21.49 -31.71
N ILE E 66 14.50 21.63 -31.84
CA ILE E 66 15.43 20.57 -31.51
C ILE E 66 15.89 20.62 -30.05
N ILE E 67 15.85 19.47 -29.38
CA ILE E 67 16.41 19.30 -28.05
C ILE E 67 17.41 18.15 -28.08
N THR E 68 18.68 18.47 -27.84
CA THR E 68 19.75 17.49 -27.95
C THR E 68 20.10 16.87 -26.60
N GLY E 69 20.56 15.61 -26.64
CA GLY E 69 20.99 14.91 -25.45
C GLY E 69 22.45 15.17 -25.14
N ASN E 70 23.12 15.88 -26.04
CA ASN E 70 24.52 16.24 -25.86
C ASN E 70 24.96 17.26 -26.90
N GLU E 71 25.93 18.09 -26.54
CA GLU E 71 26.41 19.15 -27.43
C GLU E 71 27.53 18.66 -28.35
N GLU E 72 28.31 17.70 -27.87
CA GLU E 72 29.44 17.16 -28.64
C GLU E 72 29.37 15.64 -28.75
N GLY E 73 30.29 15.06 -29.52
CA GLY E 73 30.29 13.65 -29.78
C GLY E 73 29.11 13.27 -30.65
N TYR E 74 28.52 12.10 -30.40
CA TYR E 74 27.27 11.72 -31.06
C TYR E 74 26.21 11.45 -29.99
N PHE E 75 24.97 11.81 -30.30
CA PHE E 75 23.93 11.88 -29.29
C PHE E 75 22.53 11.69 -29.86
N THR E 76 21.55 11.63 -28.96
CA THR E 76 20.15 11.54 -29.36
C THR E 76 19.53 12.93 -29.39
N ALA E 77 18.30 13.01 -29.91
CA ALA E 77 17.61 14.29 -29.99
C ALA E 77 16.11 14.09 -30.13
N ILE E 78 15.34 15.07 -29.64
CA ILE E 78 13.89 15.08 -29.77
C ILE E 78 13.45 16.37 -30.43
N LEU E 79 12.72 16.25 -31.54
CA LEU E 79 12.20 17.40 -32.26
C LEU E 79 10.72 17.62 -31.97
N LEU E 80 10.33 18.89 -31.83
CA LEU E 80 8.95 19.25 -31.51
C LEU E 80 8.36 20.14 -32.58
N LYS E 81 7.23 19.72 -33.15
CA LYS E 81 6.55 20.51 -34.17
C LYS E 81 6.07 21.83 -33.57
N LYS E 82 6.59 22.93 -34.10
CA LYS E 82 6.25 24.27 -33.60
C LYS E 82 4.78 24.59 -33.88
N GLY E 83 4.10 25.10 -32.87
CA GLY E 83 2.69 25.42 -32.98
C GLY E 83 1.80 24.25 -32.62
N ARG E 84 2.36 23.04 -32.72
CA ARG E 84 1.64 21.82 -32.42
C ARG E 84 2.02 21.30 -31.04
N VAL E 85 3.32 21.28 -30.76
CA VAL E 85 3.87 20.79 -29.50
C VAL E 85 4.55 21.93 -28.73
N LYS E 86 4.13 22.13 -27.50
CA LYS E 86 4.69 23.19 -26.65
C LYS E 86 5.69 22.61 -25.66
N PHE E 87 6.85 23.27 -25.54
CA PHE E 87 7.90 22.82 -24.63
C PHE E 87 7.66 23.32 -23.21
N LYS E 88 7.74 22.40 -22.25
CA LYS E 88 7.57 22.74 -20.83
C LYS E 88 8.92 22.68 -20.11
N SER E 89 9.59 21.53 -20.22
CA SER E 89 10.89 21.33 -19.57
C SER E 89 11.58 20.10 -20.13
N GLN E 90 12.85 19.92 -19.78
CA GLN E 90 13.61 18.75 -20.20
C GLN E 90 14.45 18.20 -19.04
N GLU E 91 15.00 17.02 -19.24
CA GLU E 91 15.80 16.36 -18.21
C GLU E 91 16.63 15.23 -18.80
N ILE E 92 17.94 15.30 -18.59
CA ILE E 92 18.86 14.30 -19.12
C ILE E 92 19.42 13.43 -17.99
N ILE E 93 18.89 12.21 -17.87
CA ILE E 93 19.37 11.26 -16.88
C ILE E 93 20.61 10.55 -17.41
N PRO E 94 21.72 10.57 -16.66
CA PRO E 94 22.95 9.94 -17.14
C PRO E 94 22.99 8.43 -16.90
N PHE E 95 23.75 7.72 -17.72
CA PHE E 95 24.06 6.31 -17.49
C PHE E 95 25.50 6.20 -16.99
N PRO E 96 25.68 6.05 -15.66
CA PRO E 96 27.01 6.09 -15.06
C PRO E 96 28.04 5.16 -15.72
N ASN E 97 27.66 3.91 -15.99
CA ASN E 97 28.60 2.91 -16.49
C ASN E 97 28.57 2.75 -18.00
N THR E 98 28.10 3.76 -18.71
CA THR E 98 28.13 3.74 -20.17
C THR E 98 29.55 3.89 -20.67
N LYS E 99 29.84 3.30 -21.82
CA LYS E 99 31.15 3.42 -22.46
C LYS E 99 31.00 4.01 -23.86
N MET E 100 29.83 4.60 -24.13
CA MET E 100 29.52 5.13 -25.45
C MET E 100 28.76 6.45 -25.37
N MET E 101 28.92 7.17 -24.27
CA MET E 101 28.28 8.47 -24.07
C MET E 101 26.76 8.40 -24.26
N ARG E 102 26.17 7.30 -23.81
CA ARG E 102 24.72 7.12 -23.90
C ARG E 102 24.02 7.67 -22.66
N ASN E 103 22.76 8.03 -22.81
CA ASN E 103 21.98 8.56 -21.71
C ASN E 103 20.48 8.48 -21.98
N LEU E 104 19.69 9.04 -21.07
CA LEU E 104 18.24 9.06 -21.20
C LEU E 104 17.72 10.50 -21.26
N LEU E 105 17.33 10.92 -22.45
CA LEU E 105 16.80 12.27 -22.67
C LEU E 105 15.30 12.31 -22.43
N CYS E 106 14.87 13.19 -21.53
CA CYS E 106 13.45 13.35 -21.23
C CYS E 106 13.01 14.77 -21.56
N VAL E 107 11.84 14.89 -22.20
CA VAL E 107 11.29 16.19 -22.58
C VAL E 107 9.79 16.23 -22.34
N ASN E 108 9.39 16.95 -21.29
CA ASN E 108 7.98 17.14 -20.99
C ASN E 108 7.38 18.22 -21.89
N VAL E 109 6.26 17.89 -22.54
CA VAL E 109 5.62 18.81 -23.47
C VAL E 109 4.11 18.86 -23.27
N SER E 110 3.46 19.71 -24.07
CA SER E 110 2.01 19.82 -24.07
C SER E 110 1.49 19.75 -25.50
N LEU E 111 0.68 18.74 -25.78
CA LEU E 111 0.12 18.53 -27.11
C LEU E 111 -1.40 18.37 -27.04
N GLY E 112 -2.11 19.31 -27.62
CA GLY E 112 -3.57 19.28 -27.62
C GLY E 112 -4.12 19.45 -26.21
N GLY E 113 -3.35 20.12 -25.35
CA GLY E 113 -3.74 20.34 -23.97
C GLY E 113 -3.26 19.25 -23.05
N ASN E 114 -3.09 18.04 -23.60
CA ASN E 114 -2.66 16.89 -22.81
C ASN E 114 -1.16 16.93 -22.54
N GLU E 115 -0.76 16.39 -21.40
CA GLU E 115 0.64 16.37 -21.00
C GLU E 115 1.33 15.09 -21.43
N PHE E 116 2.52 15.23 -22.00
CA PHE E 116 3.31 14.09 -22.46
C PHE E 116 4.75 14.17 -21.94
N CYS E 117 5.34 13.02 -21.68
CA CYS E 117 6.73 12.93 -21.29
C CYS E 117 7.51 12.17 -22.37
N LEU E 118 8.07 12.92 -23.32
CA LEU E 118 8.79 12.32 -24.43
C LEU E 118 10.18 11.86 -24.01
N MET E 119 10.44 10.56 -24.16
CA MET E 119 11.70 9.97 -23.76
C MET E 119 12.39 9.27 -24.92
N THR E 120 13.72 9.33 -24.94
CA THR E 120 14.50 8.62 -25.95
C THR E 120 15.87 8.27 -25.42
N SER E 121 16.45 7.20 -25.96
CA SER E 121 17.78 6.78 -25.54
C SER E 121 18.39 5.83 -26.56
N HIS E 122 19.70 5.91 -26.73
CA HIS E 122 20.45 4.98 -27.55
C HIS E 122 21.20 4.02 -26.62
N LEU E 123 20.53 2.94 -26.24
CA LEU E 123 21.07 2.02 -25.24
C LEU E 123 22.39 1.41 -25.72
N GLU E 124 23.16 0.87 -24.76
CA GLU E 124 24.46 0.29 -25.03
C GLU E 124 24.41 -0.72 -26.18
N SER E 125 25.36 -0.63 -27.09
CA SER E 125 25.35 -1.46 -28.30
C SER E 125 26.17 -2.73 -28.14
N THR E 126 26.14 -3.57 -29.18
CA THR E 126 26.90 -4.82 -29.24
C THR E 126 26.36 -5.89 -28.29
N ARG E 127 26.65 -7.14 -28.64
CA ARG E 127 26.19 -8.28 -27.86
C ARG E 127 26.93 -8.39 -26.52
N GLU E 128 28.22 -8.11 -26.54
CA GLU E 128 29.07 -8.29 -25.36
C GLU E 128 28.66 -7.35 -24.22
N HIS E 129 28.17 -6.16 -24.56
CA HIS E 129 27.73 -5.19 -23.55
C HIS E 129 26.24 -5.33 -23.28
N SER E 130 25.76 -6.57 -23.23
CA SER E 130 24.35 -6.83 -22.95
C SER E 130 24.02 -6.44 -21.52
N ALA E 131 24.89 -6.80 -20.59
CA ALA E 131 24.67 -6.53 -19.16
C ALA E 131 24.39 -5.04 -18.92
N GLU E 132 25.19 -4.17 -19.52
CA GLU E 132 25.00 -2.73 -19.37
C GLU E 132 23.69 -2.29 -19.99
N ARG E 133 23.38 -2.83 -21.17
CA ARG E 133 22.15 -2.49 -21.87
C ARG E 133 20.92 -2.82 -21.04
N ILE E 134 20.95 -3.97 -20.35
CA ILE E 134 19.85 -4.36 -19.48
C ILE E 134 19.71 -3.38 -18.31
N ARG E 135 20.84 -3.04 -17.71
CA ARG E 135 20.82 -2.10 -16.59
C ARG E 135 20.29 -0.75 -17.03
N GLN E 136 20.64 -0.34 -18.24
CA GLN E 136 20.15 0.91 -18.81
C GLN E 136 18.65 0.80 -19.09
N LEU E 137 18.21 -0.37 -19.54
CA LEU E 137 16.79 -0.58 -19.80
C LEU E 137 15.96 -0.43 -18.53
N LYS E 138 16.46 -0.99 -17.43
CA LYS E 138 15.76 -0.91 -16.16
C LYS E 138 15.68 0.52 -15.66
N THR E 139 16.68 1.33 -16.02
CA THR E 139 16.68 2.74 -15.67
C THR E 139 15.59 3.49 -16.45
N VAL E 140 15.49 3.19 -17.74
CA VAL E 140 14.47 3.79 -18.59
C VAL E 140 13.09 3.39 -18.10
N LEU E 141 12.88 2.09 -17.89
CA LEU E 141 11.59 1.57 -17.44
C LEU E 141 11.23 2.15 -16.07
N GLY E 142 12.23 2.30 -15.21
CA GLY E 142 12.01 2.86 -13.88
C GLY E 142 11.65 4.32 -13.95
N LYS E 143 12.21 5.03 -14.91
CA LYS E 143 11.97 6.46 -15.07
C LYS E 143 10.56 6.71 -15.61
N MET E 144 10.09 5.79 -16.46
CA MET E 144 8.74 5.89 -17.03
C MET E 144 7.67 5.73 -15.94
N GLN E 145 7.96 4.91 -14.94
CA GLN E 145 7.02 4.65 -13.86
C GLN E 145 6.99 5.81 -12.86
N GLU E 146 8.12 6.49 -12.71
CA GLU E 146 8.24 7.58 -11.75
C GLU E 146 7.61 8.87 -12.27
N ALA E 147 7.28 8.89 -13.56
CA ALA E 147 6.68 10.08 -14.16
C ALA E 147 5.33 10.39 -13.51
N PRO E 148 4.94 11.68 -13.49
CA PRO E 148 3.67 12.08 -12.87
C PRO E 148 2.48 11.28 -13.40
N ASP E 149 1.45 11.16 -12.57
CA ASP E 149 0.24 10.43 -12.96
C ASP E 149 -0.56 11.22 -14.00
N SER E 150 -0.21 12.49 -14.16
CA SER E 150 -0.96 13.39 -15.04
C SER E 150 -0.39 13.43 -16.46
N THR E 151 0.82 12.92 -16.65
CA THR E 151 1.47 12.93 -17.96
C THR E 151 1.47 11.56 -18.62
N THR E 152 1.42 11.55 -19.95
CA THR E 152 1.46 10.32 -20.73
C THR E 152 2.88 10.04 -21.18
N VAL E 153 3.48 8.99 -20.64
CA VAL E 153 4.88 8.67 -20.92
C VAL E 153 5.01 7.87 -22.22
N ILE E 154 5.92 8.33 -23.08
CA ILE E 154 6.20 7.66 -24.35
C ILE E 154 7.70 7.61 -24.60
N PHE E 155 8.28 6.42 -24.47
CA PHE E 155 9.68 6.20 -24.82
C PHE E 155 9.80 5.66 -26.24
N ALA E 156 10.85 6.07 -26.94
CA ALA E 156 11.08 5.60 -28.30
C ALA E 156 12.53 5.84 -28.71
N GLY E 157 13.21 4.79 -29.13
CA GLY E 157 14.59 4.91 -29.57
C GLY E 157 15.25 3.58 -29.86
N ASP E 158 16.54 3.64 -30.18
CA ASP E 158 17.33 2.44 -30.46
C ASP E 158 17.70 1.75 -29.15
N THR E 159 17.06 0.62 -28.88
CA THR E 159 17.27 -0.10 -27.63
C THR E 159 18.38 -1.14 -27.76
N ASN E 160 18.70 -1.52 -28.99
CA ASN E 160 19.72 -2.54 -29.25
C ASN E 160 19.43 -3.86 -28.53
N LEU E 161 18.16 -4.08 -28.18
CA LEU E 161 17.74 -5.28 -27.48
C LEU E 161 17.63 -6.46 -28.43
N ARG E 162 17.97 -7.65 -27.94
CA ARG E 162 18.01 -8.85 -28.79
C ARG E 162 18.00 -10.12 -27.97
N ASP E 163 17.74 -11.25 -28.64
CA ASP E 163 17.82 -12.57 -28.04
C ASP E 163 17.11 -12.67 -26.69
N GLN E 164 15.86 -12.21 -26.65
CA GLN E 164 15.02 -12.35 -25.46
C GLN E 164 15.63 -11.64 -24.25
N GLU E 165 16.31 -10.53 -24.49
CA GLU E 165 16.94 -9.77 -23.42
C GLU E 165 15.89 -9.11 -22.52
N VAL E 166 14.73 -8.81 -23.09
CA VAL E 166 13.63 -8.23 -22.32
C VAL E 166 13.07 -9.28 -21.37
N ILE E 167 12.95 -10.50 -21.84
CA ILE E 167 12.44 -11.60 -21.02
C ILE E 167 13.41 -11.91 -19.89
N LYS E 168 14.70 -11.94 -20.21
CA LYS E 168 15.74 -12.18 -19.22
C LYS E 168 15.81 -11.05 -18.21
N CYS E 169 15.53 -9.84 -18.67
CA CYS E 169 15.55 -8.66 -17.80
C CYS E 169 14.48 -8.74 -16.73
N GLY E 170 13.39 -9.45 -17.04
CA GLY E 170 12.25 -9.57 -16.15
C GLY E 170 10.96 -9.16 -16.82
N GLY E 171 11.08 -8.68 -18.06
CA GLY E 171 9.92 -8.25 -18.82
C GLY E 171 9.50 -6.84 -18.46
N LEU E 172 8.71 -6.22 -19.33
CA LEU E 172 8.19 -4.88 -19.07
C LEU E 172 7.24 -4.90 -17.88
N PRO E 173 7.18 -3.79 -17.12
CA PRO E 173 6.19 -3.74 -16.04
C PRO E 173 4.76 -3.77 -16.58
N ASP E 174 3.80 -4.08 -15.70
CA ASP E 174 2.42 -4.32 -16.13
C ASP E 174 1.79 -3.13 -16.83
N ASN E 175 2.16 -1.92 -16.41
CA ASN E 175 1.54 -0.71 -16.94
C ASN E 175 2.24 -0.18 -18.20
N VAL E 176 3.41 -0.72 -18.50
CA VAL E 176 4.16 -0.33 -19.70
C VAL E 176 3.94 -1.36 -20.81
N PHE E 177 3.75 -0.87 -22.03
CA PHE E 177 3.50 -1.74 -23.18
C PHE E 177 4.42 -1.39 -24.35
N ASP E 178 4.67 -2.39 -25.19
CA ASP E 178 5.42 -2.21 -26.42
C ASP E 178 4.43 -1.99 -27.57
N ALA E 179 4.56 -0.85 -28.25
CA ALA E 179 3.63 -0.49 -29.31
C ALA E 179 3.60 -1.54 -30.41
N TRP E 180 4.77 -2.10 -30.70
CA TRP E 180 4.87 -3.14 -31.72
C TRP E 180 4.11 -4.39 -31.30
N GLU E 181 4.32 -4.80 -30.05
CA GLU E 181 3.65 -5.99 -29.52
C GLU E 181 2.15 -5.75 -29.37
N PHE E 182 1.79 -4.52 -28.99
CA PHE E 182 0.38 -4.17 -28.78
C PHE E 182 -0.40 -4.28 -30.08
N LEU E 183 0.24 -3.89 -31.18
CA LEU E 183 -0.39 -3.95 -32.50
C LEU E 183 -0.32 -5.35 -33.10
N GLY E 184 0.01 -6.34 -32.27
CA GLY E 184 -0.03 -7.73 -32.71
C GLY E 184 1.22 -8.19 -33.43
N LYS E 185 2.35 -7.56 -33.14
CA LYS E 185 3.63 -7.95 -33.71
C LYS E 185 3.61 -7.97 -35.24
N PRO E 186 3.34 -6.81 -35.86
CA PRO E 186 3.31 -6.72 -37.33
C PRO E 186 4.65 -7.05 -37.96
N LYS E 187 4.67 -8.03 -38.87
CA LYS E 187 5.90 -8.47 -39.50
C LYS E 187 6.44 -7.44 -40.50
N HIS E 188 5.60 -6.49 -40.89
CA HIS E 188 6.01 -5.45 -41.83
C HIS E 188 7.06 -4.54 -41.22
N CYS E 189 7.01 -4.38 -39.90
CA CYS E 189 7.99 -3.58 -39.17
C CYS E 189 8.59 -4.36 -38.02
N GLN E 190 8.88 -5.64 -38.27
CA GLN E 190 9.49 -6.49 -37.26
C GLN E 190 10.96 -6.14 -37.11
N TYR E 191 11.68 -6.11 -38.23
CA TYR E 191 13.11 -5.78 -38.24
C TYR E 191 13.33 -4.35 -38.70
N THR E 192 13.97 -3.56 -37.85
CA THR E 192 14.27 -2.16 -38.15
C THR E 192 15.75 -1.98 -38.50
N TRP E 193 16.50 -3.08 -38.47
CA TRP E 193 17.93 -3.05 -38.74
C TRP E 193 18.23 -3.69 -40.09
N ASP E 194 17.65 -3.13 -41.15
CA ASP E 194 17.83 -3.64 -42.51
C ASP E 194 17.49 -5.13 -42.61
N LYS E 208 17.14 -7.82 -39.14
CA LYS E 208 17.83 -8.83 -38.34
C LYS E 208 17.32 -8.84 -36.91
N HIS E 209 17.35 -7.68 -36.26
CA HIS E 209 16.88 -7.53 -34.89
C HIS E 209 15.94 -6.33 -34.76
N ARG E 210 15.04 -6.40 -33.79
CA ARG E 210 14.10 -5.31 -33.54
C ARG E 210 14.67 -4.34 -32.51
N PHE E 211 15.69 -3.59 -32.92
CA PHE E 211 16.37 -2.65 -32.05
C PHE E 211 15.48 -1.44 -31.73
N ASP E 212 14.97 -0.80 -32.77
CA ASP E 212 14.08 0.35 -32.59
C ASP E 212 12.74 -0.09 -32.04
N ARG E 213 12.43 0.34 -30.82
CA ARG E 213 11.19 -0.03 -30.16
C ARG E 213 10.52 1.18 -29.51
N ILE E 214 9.21 1.07 -29.29
CA ILE E 214 8.42 2.14 -28.70
C ILE E 214 7.70 1.65 -27.46
N PHE E 215 8.10 2.18 -26.30
CA PHE E 215 7.44 1.87 -25.04
C PHE E 215 6.54 3.02 -24.62
N PHE E 216 5.39 2.69 -24.05
CA PHE E 216 4.49 3.70 -23.50
C PHE E 216 3.78 3.17 -22.27
N ARG E 217 3.51 4.07 -21.33
CA ARG E 217 2.84 3.71 -20.08
C ARG E 217 1.33 3.92 -20.19
N ALA E 218 0.57 2.85 -19.93
CA ALA E 218 -0.88 2.90 -20.00
C ALA E 218 -1.50 2.35 -18.71
N GLY E 221 -5.89 1.92 -20.33
CA GLY E 221 -6.21 2.00 -21.74
C GLY E 221 -6.64 3.39 -22.15
N HIS E 222 -5.90 4.40 -21.67
CA HIS E 222 -6.19 5.79 -21.97
C HIS E 222 -5.46 6.25 -23.24
N LEU E 223 -4.68 5.36 -23.84
CA LEU E 223 -4.06 5.63 -25.14
C LEU E 223 -3.94 4.32 -25.92
N ILE E 224 -4.17 4.41 -27.24
CA ILE E 224 -4.18 3.23 -28.09
C ILE E 224 -3.42 3.49 -29.39
N PRO E 225 -2.34 2.71 -29.64
CA PRO E 225 -1.65 2.80 -30.93
C PRO E 225 -2.58 2.49 -32.10
N GLN E 226 -2.47 3.27 -33.18
CA GLN E 226 -3.33 3.12 -34.34
C GLN E 226 -2.59 2.51 -35.53
N SER E 227 -1.31 2.86 -35.67
CA SER E 227 -0.50 2.37 -36.78
C SER E 227 0.98 2.42 -36.46
N LEU E 228 1.76 1.58 -37.14
CA LEU E 228 3.20 1.56 -36.99
C LEU E 228 3.84 1.11 -38.30
N ASP E 229 4.47 2.04 -39.00
CA ASP E 229 5.03 1.78 -40.32
C ASP E 229 6.51 2.16 -40.40
N LEU E 230 7.24 1.46 -41.26
CA LEU E 230 8.64 1.77 -41.53
C LEU E 230 8.73 2.94 -42.49
N VAL E 231 9.73 3.80 -42.29
CA VAL E 231 9.96 4.95 -43.17
C VAL E 231 11.42 5.00 -43.60
N GLY E 232 11.72 5.86 -44.56
CA GLY E 232 13.06 5.95 -45.10
C GLY E 232 13.38 4.72 -45.93
N LEU E 233 12.36 4.20 -46.60
CA LEU E 233 12.50 2.97 -47.39
C LEU E 233 13.03 3.26 -48.80
N GLU E 234 13.02 4.53 -49.18
CA GLU E 234 13.46 4.94 -50.52
C GLU E 234 14.98 4.92 -50.64
N LYS E 235 15.49 4.15 -51.59
CA LYS E 235 16.92 4.13 -51.88
C LYS E 235 17.33 5.44 -52.53
N LEU E 236 18.41 6.04 -52.02
CA LEU E 236 18.90 7.30 -52.56
C LEU E 236 19.71 7.08 -53.83
N ASP E 237 20.10 8.17 -54.48
CA ASP E 237 20.82 8.10 -55.75
C ASP E 237 22.22 7.53 -55.56
N CYS E 238 22.74 7.59 -54.35
CA CYS E 238 24.08 7.09 -54.04
C CYS E 238 24.08 5.58 -53.79
N GLY E 239 22.95 4.93 -54.06
CA GLY E 239 22.85 3.49 -53.90
C GLY E 239 22.85 3.08 -52.44
N ARG E 240 22.39 3.98 -51.57
CA ARG E 240 22.31 3.71 -50.14
C ARG E 240 21.05 4.32 -49.54
N PHE E 241 20.66 3.80 -48.38
CA PHE E 241 19.51 4.34 -47.66
C PHE E 241 19.95 5.53 -46.82
N PRO E 242 18.98 6.34 -46.35
CA PRO E 242 19.31 7.47 -45.47
C PRO E 242 20.00 7.03 -44.19
N SER E 243 19.84 5.75 -43.84
CA SER E 243 20.45 5.21 -42.63
C SER E 243 20.45 3.68 -42.66
N ASN E 244 21.33 3.07 -41.88
CA ASN E 244 21.38 1.62 -41.77
C ASN E 244 20.24 1.07 -40.91
N HIS E 245 19.45 2.00 -40.35
CA HIS E 245 18.25 1.64 -39.59
C HIS E 245 17.00 2.13 -40.31
N TRP E 246 15.92 1.37 -40.20
CA TRP E 246 14.62 1.83 -40.69
C TRP E 246 14.01 2.77 -39.66
N GLY E 247 13.37 3.83 -40.13
CA GLY E 247 12.62 4.70 -39.24
C GLY E 247 11.32 4.03 -38.86
N LEU E 248 10.66 4.54 -37.82
CA LEU E 248 9.38 4.00 -37.38
C LEU E 248 8.34 5.09 -37.19
N LEU E 249 7.41 5.18 -38.12
CA LEU E 249 6.31 6.12 -38.03
C LEU E 249 5.16 5.51 -37.22
N CYS E 250 4.89 6.09 -36.05
CA CYS E 250 3.82 5.61 -35.18
C CYS E 250 2.75 6.67 -34.99
N THR E 251 1.51 6.21 -34.81
CA THR E 251 0.39 7.11 -34.51
C THR E 251 -0.45 6.51 -33.40
N LEU E 252 -0.85 7.36 -32.45
CA LEU E 252 -1.65 6.92 -31.31
C LEU E 252 -2.81 7.88 -31.07
N ASN E 253 -3.88 7.37 -30.47
CA ASN E 253 -5.04 8.18 -30.12
C ASN E 253 -5.19 8.29 -28.61
N VAL E 254 -5.52 9.50 -28.14
CA VAL E 254 -5.77 9.74 -26.73
C VAL E 254 -7.27 9.89 -26.49
N VAL E 255 -7.75 9.25 -25.42
CA VAL E 255 -9.17 9.26 -25.10
C VAL E 255 -9.41 9.91 -23.73
S SO4 F . -22.73 37.64 -1.56
O1 SO4 F . -22.65 38.42 -0.32
O2 SO4 F . -24.03 36.98 -1.63
O3 SO4 F . -22.56 38.52 -2.71
O4 SO4 F . -21.68 36.63 -1.56
C1 GOL G . -17.15 35.41 -21.66
O1 GOL G . -16.78 36.78 -21.64
C2 GOL G . -15.90 34.54 -21.61
O2 GOL G . -14.88 35.20 -20.92
C3 GOL G . -16.22 33.22 -20.93
O3 GOL G . -17.06 32.44 -21.76
CL CL H . -3.51 23.44 31.58
S SO4 I . -10.68 -35.70 10.18
O1 SO4 I . -10.47 -35.49 11.62
O2 SO4 I . -12.04 -36.14 9.94
O3 SO4 I . -9.75 -36.72 9.70
O4 SO4 I . -10.43 -34.45 9.47
CL CL J . -29.56 -19.38 -0.12
S SO4 K . 19.68 -40.54 9.30
O1 SO4 K . 20.33 -41.27 10.38
O2 SO4 K . 19.50 -39.15 9.68
O3 SO4 K . 18.38 -41.14 9.00
O4 SO4 K . 20.52 -40.60 8.10
S SO4 L . 13.53 -10.19 -29.70
O1 SO4 L . 14.19 -10.34 -28.40
O2 SO4 L . 12.35 -9.35 -29.56
O3 SO4 L . 14.46 -9.56 -30.65
O4 SO4 L . 13.14 -11.51 -30.20
#